data_8CBC
#
_entry.id   8CBC
#
_cell.length_a   41.052
_cell.length_b   107.409
_cell.length_c   88.059
_cell.angle_alpha   90.00
_cell.angle_beta   95.73
_cell.angle_gamma   90.00
#
_symmetry.space_group_name_H-M   'P 1 21 1'
#
loop_
_entity.id
_entity.type
_entity.pdbx_description
1 polymer 'GH30 family xylanase'
2 branched alpha-D-mannopyranose-(1-2)-alpha-D-mannopyranose-(1-6)-[alpha-D-mannopyranose-(1-3)]alpha-D-mannopyranose-(1-6)-[alpha-D-mannopyranose-(1-2)-alpha-D-mannopyranose-(1-3)]beta-D-mannopyranose-(1-4)-2-acetamido-2-deoxy-beta-D-glucopyranose-(1-4)-2-acetamido-2-deoxy-beta-D-glucopyranose
3 branched 2-acetamido-2-deoxy-beta-D-glucopyranose-(1-4)-2-acetamido-2-deoxy-beta-D-glucopyranose
4 branched beta-D-xylopyranose-(1-4)-beta-D-xylopyranose-(1-4)-D-xylose
5 branched beta-D-xylopyranose-(1-4)-beta-D-xylopyranose
6 non-polymer 1,2-ETHANEDIOL
7 non-polymer DI(HYDROXYETHYL)ETHER
8 water water
#
_entity_poly.entity_id   1
_entity_poly.type   'polypeptide(L)'
_entity_poly.pdbx_seq_one_letter_code
;QAGTTLTVDLSTTYQRIDGFGTSEAFQRAVQMSRLPEEGQRRALDVLFSTTNGAGLSILRNGIGSSPDMSSDHMVSIAPK
SPGSPNNPLIYSWDGSDNKQLWVSQEAVHTYGVKTIYADAWSAPGYMKTNGNDANGGTLCGLSGAQCASGDWRQAYADYL
TKYVEFYQESNVTVTHLGFINAPELTTSYASMRFSASQAAEFIRILYPTIQKSNLTYKPTIACCDAEGWNSQAGMLGALS
SVNSMFGLVTAHAYTSQPGFSMNTPHPVWMTAAADLQGAWTSAWYSYGGAGEGWTWANNVYNAIVNGNASAYLYWIGAQT
GNTNSHMVHIDANAGTVEPSKRLWALGQWSRFVRPGARRVAVSGASGSLRTAAFRNEDGSVAVVVINSGGDAAVNVRLAS
SSSADQQPASAKAWATDNSRAIEEIQASFADGVATVNVPSRSMTTVVLYPAADAL
;
_entity_poly.pdbx_strand_id   A,B
#
# COMPACT_ATOMS: atom_id res chain seq x y z
N GLN A 1 14.32 43.81 -24.67
CA GLN A 1 13.27 42.77 -24.73
C GLN A 1 12.43 43.00 -25.99
N ALA A 2 12.78 42.32 -27.09
CA ALA A 2 11.95 42.21 -28.31
C ALA A 2 10.95 41.08 -28.06
N GLY A 3 9.97 41.37 -27.20
CA GLY A 3 8.97 40.43 -26.70
C GLY A 3 9.56 39.53 -25.62
N THR A 4 8.75 38.67 -25.05
CA THR A 4 9.24 37.68 -24.08
C THR A 4 9.65 36.48 -24.92
N THR A 5 10.83 35.91 -24.69
CA THR A 5 11.28 34.71 -25.42
C THR A 5 11.09 33.52 -24.50
N LEU A 6 10.40 32.51 -25.02
CA LEU A 6 10.25 31.22 -24.31
C LEU A 6 11.12 30.21 -25.02
N THR A 7 12.05 29.64 -24.26
CA THR A 7 13.05 28.73 -24.84
C THR A 7 12.84 27.34 -24.28
N VAL A 8 12.59 26.38 -25.16
CA VAL A 8 12.28 24.99 -24.75
C VAL A 8 13.59 24.20 -24.72
N ASP A 9 13.87 23.53 -23.61
CA ASP A 9 15.05 22.66 -23.44
C ASP A 9 14.56 21.22 -23.56
N LEU A 10 14.75 20.61 -24.72
CA LEU A 10 14.28 19.22 -24.94
C LEU A 10 15.16 18.23 -24.16
N SER A 11 16.30 18.66 -23.61
CA SER A 11 17.22 17.75 -22.86
CA SER A 11 17.22 17.76 -22.86
C SER A 11 16.77 17.59 -21.41
N THR A 12 15.85 18.44 -20.94
CA THR A 12 15.33 18.36 -19.55
C THR A 12 13.90 17.83 -19.60
N THR A 13 13.69 16.60 -19.17
CA THR A 13 12.37 15.92 -19.32
C THR A 13 11.74 15.62 -17.96
N TYR A 14 10.41 15.58 -17.94
CA TYR A 14 9.61 15.25 -16.74
C TYR A 14 8.72 14.06 -17.08
N GLN A 15 7.45 14.12 -16.74
CA GLN A 15 6.53 12.97 -16.88
C GLN A 15 5.96 12.92 -18.29
N ARG A 16 5.41 11.75 -18.62
CA ARG A 16 4.68 11.53 -19.88
C ARG A 16 3.24 12.00 -19.66
N ILE A 17 2.64 12.52 -20.71
CA ILE A 17 1.19 12.87 -20.70
C ILE A 17 0.46 11.74 -21.44
N ASP A 18 -0.44 11.06 -20.74
CA ASP A 18 -1.30 10.01 -21.34
C ASP A 18 -2.53 10.65 -21.98
N GLY A 19 -2.95 11.83 -21.55
CA GLY A 19 -4.07 12.48 -22.23
C GLY A 19 -5.02 13.20 -21.28
N PHE A 20 -6.18 13.56 -21.83
CA PHE A 20 -7.20 14.41 -21.18
C PHE A 20 -8.55 13.80 -21.49
N GLY A 21 -9.50 13.93 -20.59
CA GLY A 21 -10.80 13.33 -20.90
C GLY A 21 -11.87 13.57 -19.88
N THR A 22 -12.84 12.69 -19.86
CA THR A 22 -14.04 12.84 -19.05
C THR A 22 -14.81 11.52 -19.06
N SER A 23 -15.99 11.57 -18.48
CA SER A 23 -16.88 10.39 -18.32
C SER A 23 -18.32 10.72 -18.76
N GLU A 24 -19.08 9.67 -19.07
CA GLU A 24 -20.55 9.76 -19.29
C GLU A 24 -21.26 8.70 -18.45
N ALA A 25 -20.69 8.40 -17.28
CA ALA A 25 -21.23 7.41 -16.35
C ALA A 25 -22.60 7.88 -15.80
N PHE A 26 -23.27 7.00 -15.06
CA PHE A 26 -24.52 7.37 -14.32
C PHE A 26 -25.55 7.95 -15.31
N GLN A 27 -25.69 7.24 -16.42
CA GLN A 27 -26.67 7.51 -17.49
C GLN A 27 -26.49 8.88 -18.14
N ARG A 28 -25.37 9.56 -17.92
CA ARG A 28 -25.10 10.77 -18.73
C ARG A 28 -25.03 10.39 -20.22
N ALA A 29 -24.47 9.23 -20.53
CA ALA A 29 -24.44 8.71 -21.91
C ALA A 29 -25.87 8.50 -22.44
N VAL A 30 -26.80 8.12 -21.56
CA VAL A 30 -28.22 7.93 -21.97
C VAL A 30 -28.81 9.30 -22.33
N GLN A 31 -28.50 10.32 -21.56
CA GLN A 31 -28.95 11.71 -21.87
C GLN A 31 -28.46 12.14 -23.27
N MET A 32 -27.21 11.84 -23.58
CA MET A 32 -26.66 12.12 -24.94
C MET A 32 -27.43 11.32 -26.00
N SER A 33 -27.75 10.05 -25.74
CA SER A 33 -28.42 9.15 -26.70
C SER A 33 -29.83 9.64 -27.02
N ARG A 34 -30.46 10.40 -26.14
CA ARG A 34 -31.87 10.85 -26.37
C ARG A 34 -31.92 12.09 -27.27
N LEU A 35 -30.79 12.76 -27.50
CA LEU A 35 -30.77 13.94 -28.41
C LEU A 35 -31.14 13.49 -29.81
N PRO A 36 -31.66 14.40 -30.66
CA PRO A 36 -31.75 14.15 -32.09
C PRO A 36 -30.36 13.78 -32.63
N GLU A 37 -30.30 13.08 -33.77
CA GLU A 37 -29.04 12.58 -34.36
C GLU A 37 -28.05 13.74 -34.51
N GLU A 38 -28.48 14.92 -34.95
CA GLU A 38 -27.52 16.05 -35.15
C GLU A 38 -26.96 16.51 -33.79
N GLY A 39 -27.79 16.49 -32.75
CA GLY A 39 -27.38 16.83 -31.37
C GLY A 39 -26.39 15.82 -30.83
N GLN A 40 -26.64 14.53 -31.05
CA GLN A 40 -25.71 13.43 -30.66
C GLN A 40 -24.36 13.71 -31.32
N ARG A 41 -24.38 14.01 -32.59
CA ARG A 41 -23.13 14.21 -33.34
C ARG A 41 -22.41 15.46 -32.81
N ARG A 42 -23.14 16.54 -32.53
CA ARG A 42 -22.48 17.77 -32.02
C ARG A 42 -21.83 17.50 -30.65
N ALA A 43 -22.50 16.78 -29.78
CA ALA A 43 -21.96 16.45 -28.44
C ALA A 43 -20.67 15.64 -28.62
N LEU A 44 -20.73 14.61 -29.45
CA LEU A 44 -19.55 13.74 -29.70
C LEU A 44 -18.41 14.57 -30.30
N ASP A 45 -18.72 15.41 -31.27
CA ASP A 45 -17.71 16.25 -31.95
C ASP A 45 -17.04 17.14 -30.92
N VAL A 46 -17.82 17.85 -30.11
CA VAL A 46 -17.17 18.86 -29.24
C VAL A 46 -16.30 18.13 -28.21
N LEU A 47 -16.67 16.90 -27.81
CA LEU A 47 -15.81 16.15 -26.85
C LEU A 47 -14.56 15.61 -27.52
N PHE A 48 -14.71 14.94 -28.66
CA PHE A 48 -13.63 14.06 -29.18
C PHE A 48 -12.97 14.57 -30.47
N SER A 49 -13.56 15.51 -31.21
CA SER A 49 -12.97 15.88 -32.52
C SER A 49 -11.58 16.47 -32.31
N THR A 50 -10.62 15.91 -33.03
CA THR A 50 -9.20 16.34 -32.96
C THR A 50 -8.96 17.51 -33.90
N THR A 51 -9.98 17.90 -34.68
CA THR A 51 -9.84 19.03 -35.62
C THR A 51 -10.73 20.18 -35.20
N ASN A 52 -11.92 19.90 -34.62
CA ASN A 52 -12.99 20.92 -34.43
C ASN A 52 -13.68 20.77 -33.05
N GLY A 53 -13.05 20.08 -32.13
CA GLY A 53 -13.58 19.89 -30.77
C GLY A 53 -12.46 19.92 -29.76
N ALA A 54 -12.67 19.34 -28.59
CA ALA A 54 -11.66 19.37 -27.52
C ALA A 54 -10.63 18.26 -27.73
N GLY A 55 -10.85 17.35 -28.66
CA GLY A 55 -9.84 16.31 -28.95
C GLY A 55 -9.51 15.51 -27.69
N LEU A 56 -10.54 15.24 -26.85
CA LEU A 56 -10.27 14.47 -25.62
C LEU A 56 -9.79 13.06 -26.00
N SER A 57 -8.74 12.59 -25.32
CA SER A 57 -7.99 11.39 -25.70
C SER A 57 -8.19 10.22 -24.73
N ILE A 58 -8.97 10.41 -23.65
CA ILE A 58 -9.27 9.37 -22.65
C ILE A 58 -10.77 9.43 -22.37
N LEU A 59 -11.41 8.28 -22.34
CA LEU A 59 -12.79 8.15 -21.80
C LEU A 59 -12.76 7.25 -20.60
N ARG A 60 -13.39 7.71 -19.51
CA ARG A 60 -13.59 6.95 -18.27
C ARG A 60 -15.04 6.51 -18.17
N ASN A 61 -15.23 5.20 -18.14
CA ASN A 61 -16.54 4.54 -18.02
C ASN A 61 -16.72 4.01 -16.60
N GLY A 62 -17.97 3.90 -16.19
CA GLY A 62 -18.34 3.17 -14.98
C GLY A 62 -18.68 1.72 -15.31
N ILE A 63 -18.22 0.79 -14.49
CA ILE A 63 -18.60 -0.64 -14.59
C ILE A 63 -19.83 -0.82 -13.72
N GLY A 64 -21.00 -0.77 -14.33
CA GLY A 64 -22.26 -0.72 -13.58
C GLY A 64 -22.37 -1.80 -12.53
N SER A 65 -22.88 -1.42 -11.36
CA SER A 65 -23.02 -2.31 -10.21
C SER A 65 -24.48 -2.54 -9.83
N SER A 66 -25.43 -1.84 -10.45
CA SER A 66 -26.83 -1.78 -9.95
C SER A 66 -27.70 -2.89 -10.53
N PRO A 67 -28.77 -3.25 -9.80
CA PRO A 67 -29.66 -4.31 -10.23
C PRO A 67 -30.57 -3.95 -11.41
N ASP A 68 -30.71 -2.65 -11.68
CA ASP A 68 -31.55 -2.11 -12.76
C ASP A 68 -31.06 -0.71 -13.12
N MET A 69 -31.78 -0.06 -14.03
CA MET A 69 -31.50 1.31 -14.52
C MET A 69 -32.48 2.33 -13.90
N SER A 70 -33.03 2.05 -12.73
CA SER A 70 -33.87 3.06 -12.06
CA SER A 70 -33.82 3.02 -11.91
C SER A 70 -33.00 4.30 -11.79
N SER A 71 -33.63 5.43 -11.68
CA SER A 71 -32.94 6.70 -11.42
C SER A 71 -31.86 6.89 -12.49
N ASP A 72 -30.63 7.17 -12.09
CA ASP A 72 -29.48 7.34 -13.00
C ASP A 72 -28.52 6.16 -12.83
N HIS A 73 -28.99 5.03 -12.29
CA HIS A 73 -28.12 3.90 -11.92
C HIS A 73 -27.59 3.21 -13.17
N MET A 74 -26.37 2.69 -13.08
CA MET A 74 -25.76 1.91 -14.18
C MET A 74 -26.02 0.42 -13.90
N VAL A 75 -26.83 -0.21 -14.71
CA VAL A 75 -27.15 -1.66 -14.53
C VAL A 75 -25.88 -2.49 -14.81
N SER A 76 -25.64 -3.45 -13.95
CA SER A 76 -24.55 -4.44 -14.01
C SER A 76 -24.77 -5.42 -15.15
N ILE A 77 -23.66 -5.97 -15.65
CA ILE A 77 -23.69 -7.14 -16.57
C ILE A 77 -24.16 -8.40 -15.84
N ALA A 78 -24.17 -8.42 -14.51
CA ALA A 78 -24.57 -9.62 -13.74
C ALA A 78 -25.47 -9.19 -12.60
N PRO A 79 -26.70 -8.67 -12.89
CA PRO A 79 -27.54 -8.11 -11.83
C PRO A 79 -28.15 -9.13 -10.88
N LYS A 80 -28.27 -10.39 -11.30
CA LYS A 80 -28.89 -11.49 -10.50
C LYS A 80 -27.79 -12.35 -9.85
N SER A 81 -27.89 -12.56 -8.53
CA SER A 81 -26.99 -13.43 -7.73
C SER A 81 -27.11 -14.87 -8.23
N PRO A 82 -25.97 -15.61 -8.37
CA PRO A 82 -26.01 -17.07 -8.55
C PRO A 82 -26.15 -17.83 -7.21
N GLY A 83 -26.33 -17.12 -6.10
CA GLY A 83 -26.62 -17.72 -4.78
C GLY A 83 -25.35 -17.93 -3.98
N SER A 84 -24.30 -18.44 -4.63
CA SER A 84 -23.03 -18.84 -3.97
C SER A 84 -21.89 -18.58 -4.93
N PRO A 85 -20.71 -18.17 -4.44
CA PRO A 85 -19.59 -17.82 -5.31
C PRO A 85 -18.97 -19.06 -5.99
N ASN A 86 -19.37 -20.27 -5.58
CA ASN A 86 -18.96 -21.54 -6.24
C ASN A 86 -19.70 -21.70 -7.56
N ASN A 87 -20.83 -21.01 -7.70
CA ASN A 87 -21.70 -21.12 -8.90
C ASN A 87 -21.20 -20.12 -9.93
N PRO A 88 -21.22 -20.49 -11.23
CA PRO A 88 -20.93 -19.55 -12.30
C PRO A 88 -21.81 -18.31 -12.16
N LEU A 89 -21.21 -17.13 -12.37
CA LEU A 89 -21.98 -15.87 -12.43
C LEU A 89 -22.92 -15.94 -13.62
N ILE A 90 -24.03 -15.25 -13.49
CA ILE A 90 -25.12 -15.16 -14.49
C ILE A 90 -24.95 -13.83 -15.22
N TYR A 91 -24.44 -13.87 -16.43
CA TYR A 91 -24.23 -12.66 -17.24
C TYR A 91 -25.47 -12.43 -18.06
N SER A 92 -25.94 -11.19 -18.08
N SER A 92 -25.94 -11.19 -18.07
CA SER A 92 -27.18 -10.75 -18.74
CA SER A 92 -27.18 -10.76 -18.75
C SER A 92 -26.87 -9.48 -19.55
C SER A 92 -26.86 -9.49 -19.55
N TRP A 93 -26.03 -9.62 -20.57
CA TRP A 93 -25.53 -8.47 -21.36
C TRP A 93 -26.67 -7.80 -22.15
N ASP A 94 -26.73 -6.48 -22.10
CA ASP A 94 -27.77 -5.70 -22.82
C ASP A 94 -27.22 -5.05 -24.10
N GLY A 95 -25.95 -5.27 -24.44
CA GLY A 95 -25.36 -4.67 -25.65
C GLY A 95 -25.17 -3.17 -25.58
N SER A 96 -25.38 -2.56 -24.43
CA SER A 96 -25.39 -1.09 -24.30
C SER A 96 -24.48 -0.58 -23.18
N ASP A 97 -24.47 -1.24 -22.02
CA ASP A 97 -23.69 -0.75 -20.86
C ASP A 97 -24.04 0.71 -20.57
N ASN A 98 -25.33 0.97 -20.39
CA ASN A 98 -25.79 2.29 -19.92
C ASN A 98 -25.36 3.37 -20.92
N LYS A 99 -25.43 3.03 -22.21
CA LYS A 99 -25.06 3.83 -23.40
C LYS A 99 -23.57 4.20 -23.42
N GLN A 100 -22.76 3.66 -22.52
CA GLN A 100 -21.31 3.95 -22.54
C GLN A 100 -20.66 3.25 -23.73
N LEU A 101 -21.16 2.09 -24.11
CA LEU A 101 -20.50 1.34 -25.20
C LEU A 101 -20.58 2.17 -26.49
N TRP A 102 -21.73 2.75 -26.78
CA TRP A 102 -21.93 3.65 -27.92
C TRP A 102 -20.93 4.83 -27.84
N VAL A 103 -20.88 5.53 -26.71
CA VAL A 103 -19.91 6.66 -26.61
C VAL A 103 -18.51 6.14 -26.88
N SER A 104 -18.16 4.97 -26.34
CA SER A 104 -16.82 4.38 -26.50
C SER A 104 -16.56 4.05 -27.98
N GLN A 105 -17.51 3.42 -28.64
CA GLN A 105 -17.36 3.03 -30.06
C GLN A 105 -17.16 4.28 -30.93
N GLU A 106 -17.92 5.34 -30.67
CA GLU A 106 -17.74 6.62 -31.39
C GLU A 106 -16.35 7.18 -31.07
N ALA A 107 -15.99 7.25 -29.80
CA ALA A 107 -14.68 7.82 -29.40
C ALA A 107 -13.55 7.09 -30.16
N VAL A 108 -13.55 5.76 -30.12
CA VAL A 108 -12.48 4.92 -30.73
C VAL A 108 -12.59 4.97 -32.25
N HIS A 109 -13.73 4.54 -32.80
CA HIS A 109 -13.82 4.25 -34.26
C HIS A 109 -14.08 5.52 -35.07
N THR A 110 -14.76 6.52 -34.51
CA THR A 110 -15.00 7.77 -35.26
C THR A 110 -13.86 8.76 -35.01
N TYR A 111 -13.34 8.84 -33.78
CA TYR A 111 -12.46 9.96 -33.41
C TYR A 111 -11.03 9.54 -33.06
N GLY A 112 -10.70 8.25 -33.05
CA GLY A 112 -9.32 7.79 -32.86
C GLY A 112 -8.88 7.69 -31.41
N VAL A 113 -9.79 7.79 -30.44
CA VAL A 113 -9.40 7.59 -29.03
C VAL A 113 -8.85 6.17 -28.84
N LYS A 114 -7.76 6.02 -28.08
CA LYS A 114 -7.09 4.71 -27.87
C LYS A 114 -7.08 4.30 -26.40
N THR A 115 -7.50 5.18 -25.49
CA THR A 115 -7.42 4.91 -24.05
C THR A 115 -8.83 4.91 -23.45
N ILE A 116 -9.23 3.76 -22.91
CA ILE A 116 -10.58 3.52 -22.33
C ILE A 116 -10.36 2.96 -20.92
N TYR A 117 -10.71 3.77 -19.92
CA TYR A 117 -10.53 3.45 -18.50
C TYR A 117 -11.87 3.03 -17.94
N ALA A 118 -12.03 1.77 -17.58
CA ALA A 118 -13.30 1.29 -16.97
C ALA A 118 -13.06 1.08 -15.49
N ASP A 119 -13.93 1.69 -14.68
CA ASP A 119 -13.76 1.67 -13.20
C ASP A 119 -15.10 1.28 -12.57
N ALA A 120 -15.09 0.27 -11.71
CA ALA A 120 -16.25 -0.10 -10.87
C ALA A 120 -16.27 0.79 -9.63
N TRP A 121 -17.45 1.35 -9.33
CA TRP A 121 -17.70 2.11 -8.08
C TRP A 121 -18.11 1.16 -6.96
N SER A 122 -18.59 -0.03 -7.32
CA SER A 122 -18.98 -1.10 -6.39
C SER A 122 -18.98 -2.43 -7.13
N ALA A 123 -18.83 -3.50 -6.38
CA ALA A 123 -19.23 -4.83 -6.84
C ALA A 123 -20.76 -4.89 -6.81
N PRO A 124 -21.38 -5.88 -7.48
CA PRO A 124 -22.80 -6.09 -7.33
C PRO A 124 -23.14 -6.35 -5.86
N GLY A 125 -24.37 -6.01 -5.47
CA GLY A 125 -24.81 -6.09 -4.07
C GLY A 125 -24.56 -7.45 -3.44
N TYR A 126 -24.84 -8.51 -4.18
CA TYR A 126 -24.77 -9.90 -3.66
C TYR A 126 -23.33 -10.31 -3.34
N MET A 127 -22.34 -9.52 -3.75
CA MET A 127 -20.91 -9.84 -3.46
C MET A 127 -20.45 -9.08 -2.22
N LYS A 128 -21.34 -8.34 -1.56
CA LYS A 128 -20.90 -7.36 -0.51
C LYS A 128 -21.50 -7.68 0.86
N THR A 129 -20.82 -7.17 1.89
CA THR A 129 -21.20 -7.37 3.31
C THR A 129 -22.61 -6.82 3.56
N ASN A 130 -23.03 -5.78 2.83
CA ASN A 130 -24.34 -5.13 3.07
C ASN A 130 -25.39 -5.59 2.05
N GLY A 131 -25.06 -6.46 1.11
CA GLY A 131 -26.03 -6.96 0.11
C GLY A 131 -26.59 -5.85 -0.77
N ASN A 132 -25.85 -4.75 -0.97
CA ASN A 132 -26.35 -3.61 -1.78
C ASN A 132 -25.17 -2.92 -2.46
N ASP A 133 -25.31 -2.48 -3.72
CA ASP A 133 -24.20 -1.77 -4.41
C ASP A 133 -24.08 -0.34 -3.88
N ALA A 134 -25.06 0.17 -3.13
CA ALA A 134 -25.02 1.53 -2.55
C ALA A 134 -24.72 1.43 -1.05
N ASN A 135 -24.50 2.59 -0.43
CA ASN A 135 -24.36 2.73 1.04
C ASN A 135 -23.11 1.98 1.51
N GLY A 136 -22.02 2.06 0.75
CA GLY A 136 -20.75 1.47 1.21
C GLY A 136 -20.82 -0.05 1.29
N GLY A 137 -20.32 -0.60 2.39
CA GLY A 137 -20.11 -2.05 2.51
C GLY A 137 -18.85 -2.44 1.75
N THR A 138 -18.43 -3.68 1.92
CA THR A 138 -17.11 -4.14 1.43
C THR A 138 -17.31 -5.47 0.69
N LEU A 139 -16.38 -5.78 -0.21
CA LEU A 139 -16.39 -7.06 -0.93
C LEU A 139 -16.23 -8.20 0.07
N CYS A 140 -17.17 -9.14 0.00
CA CYS A 140 -17.15 -10.36 0.84
C CYS A 140 -15.86 -11.17 0.63
N GLY A 141 -15.16 -11.51 1.72
CA GLY A 141 -14.03 -12.44 1.66
C GLY A 141 -12.70 -11.74 1.90
N LEU A 142 -12.67 -10.41 1.76
CA LEU A 142 -11.47 -9.62 2.11
C LEU A 142 -11.24 -9.74 3.62
N SER A 143 -10.02 -9.48 4.05
CA SER A 143 -9.69 -9.44 5.49
C SER A 143 -10.65 -8.46 6.17
N GLY A 144 -11.31 -8.90 7.25
CA GLY A 144 -12.26 -8.09 8.03
C GLY A 144 -13.63 -8.02 7.39
N ALA A 145 -13.91 -8.87 6.39
CA ALA A 145 -15.20 -8.80 5.65
C ALA A 145 -15.68 -10.20 5.28
N GLN A 146 -15.67 -11.14 6.23
CA GLN A 146 -16.14 -12.53 5.99
C GLN A 146 -17.67 -12.47 5.94
N CYS A 147 -18.28 -13.13 4.96
CA CYS A 147 -19.74 -13.12 4.75
C CYS A 147 -20.25 -14.55 4.89
N ALA A 148 -21.46 -14.70 5.44
CA ALA A 148 -22.21 -15.99 5.48
C ALA A 148 -22.34 -16.54 4.06
N SER A 149 -22.54 -15.70 3.04
CA SER A 149 -22.88 -16.18 1.67
C SER A 149 -21.63 -16.71 0.97
N GLY A 150 -20.45 -16.41 1.49
CA GLY A 150 -19.18 -16.93 0.97
C GLY A 150 -18.16 -15.85 0.66
N ASP A 151 -17.07 -16.28 0.05
CA ASP A 151 -15.88 -15.50 -0.37
C ASP A 151 -16.06 -15.19 -1.84
N TRP A 152 -16.35 -13.93 -2.15
CA TRP A 152 -16.70 -13.46 -3.51
C TRP A 152 -15.50 -12.76 -4.17
N ARG A 153 -14.28 -12.90 -3.64
CA ARG A 153 -13.13 -12.14 -4.19
C ARG A 153 -12.86 -12.63 -5.61
N GLN A 154 -12.68 -13.93 -5.81
CA GLN A 154 -12.38 -14.46 -7.15
C GLN A 154 -13.55 -14.14 -8.07
N ALA A 155 -14.79 -14.27 -7.59
CA ALA A 155 -15.99 -13.97 -8.40
C ALA A 155 -15.91 -12.54 -8.91
N TYR A 156 -15.55 -11.58 -8.06
CA TYR A 156 -15.51 -10.16 -8.49
C TYR A 156 -14.41 -9.97 -9.54
N ALA A 157 -13.26 -10.64 -9.38
CA ALA A 157 -12.18 -10.58 -10.39
C ALA A 157 -12.66 -11.18 -11.71
N ASP A 158 -13.42 -12.28 -11.66
CA ASP A 158 -13.96 -12.95 -12.87
C ASP A 158 -14.95 -11.99 -13.56
N TYR A 159 -15.79 -11.35 -12.76
CA TYR A 159 -16.81 -10.38 -13.22
C TYR A 159 -16.16 -9.20 -13.95
N LEU A 160 -15.12 -8.61 -13.35
CA LEU A 160 -14.43 -7.46 -13.99
C LEU A 160 -13.80 -7.90 -15.30
N THR A 161 -13.19 -9.08 -15.31
CA THR A 161 -12.58 -9.63 -16.55
C THR A 161 -13.68 -9.78 -17.61
N LYS A 162 -14.83 -10.31 -17.22
CA LYS A 162 -15.93 -10.54 -18.18
C LYS A 162 -16.45 -9.21 -18.74
N TYR A 163 -16.56 -8.15 -17.94
CA TYR A 163 -16.92 -6.82 -18.47
C TYR A 163 -15.96 -6.42 -19.59
N VAL A 164 -14.67 -6.57 -19.36
CA VAL A 164 -13.66 -6.20 -20.38
C VAL A 164 -13.87 -7.10 -21.62
N GLU A 165 -14.19 -8.38 -21.42
CA GLU A 165 -14.43 -9.28 -22.57
C GLU A 165 -15.67 -8.82 -23.36
N PHE A 166 -16.76 -8.44 -22.70
CA PHE A 166 -17.94 -7.94 -23.45
C PHE A 166 -17.58 -6.71 -24.31
N TYR A 167 -16.77 -5.80 -23.79
CA TYR A 167 -16.30 -4.63 -24.58
C TYR A 167 -15.48 -5.15 -25.77
N GLN A 168 -14.52 -6.05 -25.53
CA GLN A 168 -13.65 -6.60 -26.60
C GLN A 168 -14.53 -7.19 -27.72
N GLU A 169 -15.58 -7.96 -27.36
CA GLU A 169 -16.45 -8.61 -28.37
C GLU A 169 -17.37 -7.59 -29.06
N SER A 170 -17.43 -6.36 -28.56
CA SER A 170 -18.15 -5.21 -29.17
C SER A 170 -17.17 -4.20 -29.81
N ASN A 171 -15.93 -4.69 -30.06
N ASN A 171 -15.92 -4.62 -30.02
CA ASN A 171 -14.80 -4.06 -30.80
CA ASN A 171 -14.95 -3.85 -30.83
C ASN A 171 -14.25 -2.83 -30.06
C ASN A 171 -14.44 -2.65 -30.03
N VAL A 172 -14.29 -2.80 -28.72
CA VAL A 172 -13.64 -1.74 -27.92
C VAL A 172 -12.67 -2.39 -26.96
N THR A 173 -11.43 -1.93 -26.98
CA THR A 173 -10.38 -2.40 -26.06
C THR A 173 -10.37 -1.53 -24.81
N VAL A 174 -10.74 -2.10 -23.67
CA VAL A 174 -10.49 -1.44 -22.35
C VAL A 174 -9.00 -1.53 -22.07
N THR A 175 -8.35 -0.40 -21.85
CA THR A 175 -6.89 -0.34 -21.66
C THR A 175 -6.51 -0.29 -20.18
N HIS A 176 -7.41 0.19 -19.32
CA HIS A 176 -7.13 0.40 -17.89
C HIS A 176 -8.38 0.00 -17.10
N LEU A 177 -8.20 -0.63 -15.95
CA LEU A 177 -9.28 -1.29 -15.20
C LEU A 177 -9.16 -0.94 -13.73
N GLY A 178 -10.22 -0.34 -13.18
CA GLY A 178 -10.29 -0.05 -11.75
C GLY A 178 -11.44 -0.80 -11.12
N PHE A 179 -11.33 -1.08 -9.82
CA PHE A 179 -12.28 -1.99 -9.13
C PHE A 179 -12.95 -1.30 -7.92
N ILE A 180 -12.54 -0.07 -7.61
CA ILE A 180 -13.16 0.77 -6.56
C ILE A 180 -13.19 2.21 -7.07
N ASN A 181 -13.94 3.02 -6.36
CA ASN A 181 -13.98 4.48 -6.55
C ASN A 181 -14.22 5.06 -5.18
N ALA A 182 -13.51 6.15 -4.84
CA ALA A 182 -13.73 6.83 -3.53
C ALA A 182 -13.87 5.80 -2.42
N PRO A 183 -12.89 4.89 -2.24
CA PRO A 183 -13.00 3.79 -1.29
C PRO A 183 -13.03 4.23 0.20
N GLU A 184 -12.75 5.51 0.47
CA GLU A 184 -12.88 6.15 1.80
C GLU A 184 -14.27 6.74 2.06
N LEU A 185 -15.18 6.69 1.08
CA LEU A 185 -16.47 7.39 1.15
C LEU A 185 -17.64 6.42 1.01
N THR A 186 -18.54 6.45 1.99
CA THR A 186 -19.85 5.79 1.92
C THR A 186 -20.83 6.80 1.32
N THR A 187 -21.60 6.40 0.31
CA THR A 187 -22.58 7.32 -0.33
C THR A 187 -23.94 6.62 -0.48
N SER A 188 -24.93 7.40 -0.87
CA SER A 188 -26.30 6.90 -1.13
C SER A 188 -26.41 6.24 -2.52
N TYR A 189 -25.34 6.29 -3.33
CA TYR A 189 -25.27 5.71 -4.69
C TYR A 189 -24.16 4.65 -4.67
N ALA A 190 -23.82 4.12 -5.82
CA ALA A 190 -22.80 3.05 -5.92
C ALA A 190 -21.54 3.47 -5.18
N SER A 191 -21.16 2.67 -4.21
CA SER A 191 -20.04 2.98 -3.30
C SER A 191 -19.61 1.69 -2.62
N MET A 192 -18.33 1.61 -2.29
CA MET A 192 -17.76 0.40 -1.71
C MET A 192 -16.49 0.81 -0.98
N ARG A 193 -16.41 0.40 0.28
CA ARG A 193 -15.31 0.77 1.21
C ARG A 193 -14.22 -0.31 1.17
N PHE A 194 -13.03 0.11 0.78
CA PHE A 194 -11.78 -0.67 0.90
C PHE A 194 -10.76 0.19 1.62
N SER A 195 -10.04 -0.41 2.56
CA SER A 195 -8.77 0.16 3.04
C SER A 195 -7.71 -0.06 1.96
N ALA A 196 -6.59 0.64 2.08
CA ALA A 196 -5.44 0.45 1.19
C ALA A 196 -4.98 -1.00 1.27
N SER A 197 -4.97 -1.59 2.47
N SER A 197 -4.99 -1.61 2.46
CA SER A 197 -4.55 -3.00 2.64
CA SER A 197 -4.54 -3.02 2.62
C SER A 197 -5.49 -3.91 1.84
C SER A 197 -5.50 -3.97 1.90
N GLN A 198 -6.80 -3.69 1.93
CA GLN A 198 -7.81 -4.50 1.19
C GLN A 198 -7.59 -4.34 -0.32
N ALA A 199 -7.25 -3.14 -0.79
CA ALA A 199 -6.99 -2.92 -2.22
C ALA A 199 -5.81 -3.78 -2.66
N ALA A 200 -4.73 -3.81 -1.89
CA ALA A 200 -3.53 -4.61 -2.20
C ALA A 200 -3.95 -6.09 -2.25
N GLU A 201 -4.74 -6.52 -1.27
CA GLU A 201 -5.24 -7.91 -1.17
C GLU A 201 -5.97 -8.27 -2.48
N PHE A 202 -6.86 -7.40 -2.94
CA PHE A 202 -7.66 -7.69 -4.15
C PHE A 202 -6.78 -7.65 -5.41
N ILE A 203 -5.83 -6.72 -5.49
CA ILE A 203 -4.93 -6.64 -6.67
C ILE A 203 -4.21 -7.99 -6.83
N ARG A 204 -3.82 -8.62 -5.71
CA ARG A 204 -3.09 -9.92 -5.79
C ARG A 204 -4.00 -11.01 -6.39
N ILE A 205 -5.31 -10.84 -6.30
CA ILE A 205 -6.29 -11.78 -6.90
C ILE A 205 -6.62 -11.35 -8.34
N LEU A 206 -6.82 -10.06 -8.58
CA LEU A 206 -7.26 -9.56 -9.92
C LEU A 206 -6.14 -9.71 -10.92
N TYR A 207 -4.90 -9.41 -10.55
CA TYR A 207 -3.78 -9.43 -11.53
C TYR A 207 -3.65 -10.82 -12.16
N PRO A 208 -3.50 -11.93 -11.42
CA PRO A 208 -3.36 -13.21 -12.12
C PRO A 208 -4.63 -13.61 -12.89
N THR A 209 -5.79 -13.15 -12.44
CA THR A 209 -7.05 -13.46 -13.15
C THR A 209 -6.96 -12.84 -14.56
N ILE A 210 -6.55 -11.58 -14.65
CA ILE A 210 -6.39 -10.90 -15.97
C ILE A 210 -5.31 -11.63 -16.77
N GLN A 211 -4.17 -11.93 -16.16
CA GLN A 211 -3.01 -12.50 -16.91
C GLN A 211 -3.38 -13.87 -17.49
N LYS A 212 -4.20 -14.68 -16.80
CA LYS A 212 -4.54 -16.05 -17.29
C LYS A 212 -5.80 -16.04 -18.17
N SER A 213 -6.44 -14.88 -18.36
CA SER A 213 -7.72 -14.73 -19.11
C SER A 213 -7.42 -14.86 -20.60
N ASN A 214 -8.46 -14.96 -21.41
CA ASN A 214 -8.25 -15.02 -22.88
C ASN A 214 -8.44 -13.62 -23.47
N LEU A 215 -8.39 -12.55 -22.66
CA LEU A 215 -8.50 -11.17 -23.21
C LEU A 215 -7.35 -10.96 -24.20
N THR A 216 -7.65 -10.32 -25.33
CA THR A 216 -6.65 -10.02 -26.38
C THR A 216 -5.61 -9.05 -25.84
N TYR A 217 -6.06 -7.98 -25.17
CA TYR A 217 -5.20 -6.95 -24.52
C TYR A 217 -5.45 -7.02 -23.03
N LYS A 218 -4.42 -7.30 -22.24
CA LYS A 218 -4.55 -7.36 -20.77
C LYS A 218 -4.54 -5.94 -20.26
N PRO A 219 -5.66 -5.41 -19.72
CA PRO A 219 -5.64 -4.03 -19.25
C PRO A 219 -4.75 -3.87 -18.00
N THR A 220 -4.22 -2.67 -17.88
CA THR A 220 -3.44 -2.23 -16.70
C THR A 220 -4.43 -1.96 -15.55
N ILE A 221 -4.14 -2.55 -14.41
CA ILE A 221 -4.93 -2.28 -13.18
C ILE A 221 -4.59 -0.90 -12.63
N ALA A 222 -5.62 -0.18 -12.22
CA ALA A 222 -5.50 1.15 -11.59
C ALA A 222 -5.94 1.07 -10.13
N CYS A 223 -5.48 2.02 -9.33
CA CYS A 223 -6.02 2.22 -7.95
C CYS A 223 -5.72 3.65 -7.54
N CYS A 224 -6.58 4.28 -6.73
CA CYS A 224 -7.81 3.73 -6.18
C CYS A 224 -8.95 4.75 -6.32
N ASP A 225 -8.76 5.81 -7.12
CA ASP A 225 -9.80 6.83 -7.35
C ASP A 225 -10.25 7.43 -6.00
N ALA A 226 -9.33 7.67 -5.10
CA ALA A 226 -9.64 8.45 -3.87
C ALA A 226 -10.07 9.87 -4.25
N GLU A 227 -10.79 10.54 -3.35
CA GLU A 227 -11.43 11.83 -3.68
C GLU A 227 -10.42 12.99 -3.67
N GLY A 228 -9.17 12.76 -3.30
CA GLY A 228 -8.13 13.80 -3.39
C GLY A 228 -6.74 13.22 -3.41
N TRP A 229 -5.76 14.06 -3.72
CA TRP A 229 -4.33 13.69 -3.75
C TRP A 229 -3.89 13.16 -2.38
N ASN A 230 -4.25 13.85 -1.29
CA ASN A 230 -3.76 13.50 0.06
C ASN A 230 -4.27 12.09 0.41
N SER A 231 -5.55 11.82 0.17
N SER A 231 -5.57 11.85 0.18
CA SER A 231 -6.12 10.50 0.55
CA SER A 231 -6.23 10.55 0.48
C SER A 231 -5.51 9.40 -0.34
C SER A 231 -5.57 9.44 -0.34
N GLN A 232 -5.35 9.65 -1.64
CA GLN A 232 -4.71 8.61 -2.48
C GLN A 232 -3.24 8.40 -2.04
N ALA A 233 -2.48 9.46 -1.77
CA ALA A 233 -1.06 9.34 -1.34
C ALA A 233 -0.96 8.48 -0.07
N GLY A 234 -1.97 8.53 0.80
CA GLY A 234 -1.97 7.77 2.07
C GLY A 234 -2.15 6.28 1.83
N MET A 235 -2.63 5.89 0.66
CA MET A 235 -2.87 4.47 0.29
C MET A 235 -1.59 3.86 -0.31
N LEU A 236 -0.61 4.68 -0.67
CA LEU A 236 0.52 4.17 -1.49
C LEU A 236 1.39 3.22 -0.71
N GLY A 237 1.55 3.39 0.59
CA GLY A 237 2.41 2.47 1.35
C GLY A 237 1.90 1.03 1.28
N ALA A 238 0.61 0.80 1.54
CA ALA A 238 0.04 -0.56 1.47
C ALA A 238 0.07 -1.04 0.01
N LEU A 239 -0.11 -0.15 -0.95
CA LEU A 239 -0.08 -0.57 -2.39
C LEU A 239 1.34 -0.94 -2.82
N SER A 240 2.35 -0.51 -2.10
CA SER A 240 3.74 -0.64 -2.60
C SER A 240 4.15 -2.13 -2.70
N SER A 241 3.54 -3.03 -1.92
CA SER A 241 3.84 -4.49 -2.02
C SER A 241 3.36 -5.08 -3.35
N VAL A 242 2.41 -4.40 -4.02
CA VAL A 242 1.82 -4.96 -5.28
C VAL A 242 2.14 -4.07 -6.48
N ASN A 243 3.19 -3.25 -6.39
CA ASN A 243 3.57 -2.37 -7.53
C ASN A 243 3.90 -3.18 -8.78
N SER A 244 4.20 -4.47 -8.66
CA SER A 244 4.47 -5.32 -9.85
C SER A 244 3.17 -5.83 -10.48
N MET A 245 2.01 -5.54 -9.89
CA MET A 245 0.72 -6.14 -10.27
C MET A 245 -0.31 -5.06 -10.64
N PHE A 246 0.04 -3.77 -10.59
CA PHE A 246 -0.84 -2.72 -11.13
C PHE A 246 0.06 -1.64 -11.73
N GLY A 247 -0.52 -0.71 -12.49
CA GLY A 247 0.32 0.18 -13.32
C GLY A 247 -0.17 1.59 -13.45
N LEU A 248 -1.16 1.99 -12.65
CA LEU A 248 -1.71 3.35 -12.74
C LEU A 248 -2.26 3.74 -11.37
N VAL A 249 -1.87 4.93 -10.93
CA VAL A 249 -2.45 5.54 -9.70
C VAL A 249 -3.46 6.58 -10.17
N THR A 250 -4.64 6.56 -9.56
CA THR A 250 -5.72 7.50 -9.89
C THR A 250 -6.19 8.22 -8.64
N ALA A 251 -6.58 9.48 -8.79
CA ALA A 251 -7.15 10.26 -7.68
C ALA A 251 -7.95 11.42 -8.26
N HIS A 252 -8.82 11.97 -7.45
CA HIS A 252 -9.71 13.10 -7.81
C HIS A 252 -9.13 14.40 -7.22
N ALA A 253 -9.84 15.49 -7.44
CA ALA A 253 -9.42 16.80 -6.94
C ALA A 253 -10.54 17.44 -6.15
N TYR A 254 -11.14 16.71 -5.21
CA TYR A 254 -12.23 17.28 -4.39
C TYR A 254 -11.76 17.55 -2.95
N THR A 255 -11.25 16.54 -2.24
CA THR A 255 -10.97 16.65 -0.80
C THR A 255 -9.60 17.25 -0.58
N SER A 256 -8.76 17.30 -1.63
CA SER A 256 -7.47 18.05 -1.65
C SER A 256 -7.04 18.21 -3.11
N GLN A 257 -6.13 19.13 -3.36
CA GLN A 257 -5.73 19.51 -4.73
C GLN A 257 -4.45 18.77 -5.12
N PRO A 258 -4.25 18.56 -6.43
CA PRO A 258 -3.07 17.89 -6.97
C PRO A 258 -1.89 18.86 -7.03
N GLY A 259 -1.31 19.14 -5.87
CA GLY A 259 -0.30 20.21 -5.68
C GLY A 259 1.06 19.70 -5.27
N PHE A 260 1.27 18.38 -5.21
CA PHE A 260 2.59 17.77 -4.96
C PHE A 260 2.72 16.48 -5.78
N SER A 261 3.95 16.01 -5.98
CA SER A 261 4.21 14.73 -6.68
C SER A 261 4.07 13.57 -5.70
N MET A 262 3.21 12.62 -6.02
CA MET A 262 3.07 11.38 -5.22
C MET A 262 4.31 10.50 -5.37
N ASN A 263 4.64 9.80 -4.30
CA ASN A 263 5.77 8.84 -4.23
C ASN A 263 5.27 7.48 -4.72
N THR A 264 5.32 7.29 -6.02
CA THR A 264 4.88 6.04 -6.69
C THR A 264 5.67 5.92 -7.98
N PRO A 265 5.99 4.69 -8.41
CA PRO A 265 6.67 4.52 -9.69
C PRO A 265 5.72 4.66 -10.87
N HIS A 266 4.44 4.63 -10.62
CA HIS A 266 3.40 4.61 -11.68
C HIS A 266 3.07 6.01 -12.20
N PRO A 267 2.55 6.12 -13.44
CA PRO A 267 1.89 7.35 -13.85
C PRO A 267 0.72 7.60 -12.87
N VAL A 268 0.46 8.88 -12.64
CA VAL A 268 -0.67 9.33 -11.78
C VAL A 268 -1.66 10.10 -12.64
N TRP A 269 -2.93 9.69 -12.65
CA TRP A 269 -3.99 10.44 -13.37
C TRP A 269 -4.93 11.12 -12.38
N MET A 270 -5.26 12.37 -12.69
CA MET A 270 -6.33 13.08 -11.97
C MET A 270 -7.60 12.72 -12.73
N THR A 271 -8.39 11.79 -12.21
CA THR A 271 -9.48 11.15 -12.99
C THR A 271 -10.86 11.79 -12.76
N ALA A 272 -10.98 12.80 -11.90
CA ALA A 272 -12.26 13.53 -11.78
C ALA A 272 -12.05 14.83 -11.01
N ALA A 273 -12.52 15.91 -11.58
CA ALA A 273 -12.64 17.22 -10.89
C ALA A 273 -13.80 17.97 -11.51
N ALA A 274 -14.38 18.92 -10.76
CA ALA A 274 -15.47 19.74 -11.30
C ALA A 274 -15.84 20.78 -10.26
N ASP A 275 -16.52 21.82 -10.72
CA ASP A 275 -17.19 22.78 -9.81
C ASP A 275 -18.61 22.22 -9.59
N LEU A 276 -18.74 21.22 -8.73
CA LEU A 276 -19.98 20.37 -8.64
C LEU A 276 -21.22 21.18 -8.31
N GLN A 277 -21.11 22.17 -7.43
CA GLN A 277 -22.30 22.87 -6.89
C GLN A 277 -22.40 24.29 -7.48
N GLY A 278 -21.46 24.76 -8.29
CA GLY A 278 -21.53 26.12 -8.85
C GLY A 278 -22.66 26.26 -9.88
N ALA A 279 -23.37 27.38 -9.86
CA ALA A 279 -24.40 27.73 -10.87
C ALA A 279 -23.73 27.73 -12.24
N TRP A 280 -24.44 27.21 -13.25
CA TRP A 280 -23.87 27.08 -14.62
C TRP A 280 -23.23 28.42 -15.07
N THR A 281 -22.03 28.35 -15.61
CA THR A 281 -21.48 29.44 -16.44
C THR A 281 -20.78 28.85 -17.64
N SER A 282 -20.89 29.53 -18.76
CA SER A 282 -20.18 29.16 -20.01
CA SER A 282 -20.19 29.18 -20.01
C SER A 282 -18.96 30.06 -20.18
N ALA A 283 -18.75 31.01 -19.27
CA ALA A 283 -17.74 32.07 -19.46
C ALA A 283 -16.32 31.52 -19.36
N TRP A 284 -15.42 32.12 -20.13
CA TRP A 284 -13.95 31.92 -19.94
C TRP A 284 -13.45 32.70 -18.72
N TYR A 285 -13.72 34.02 -18.65
CA TYR A 285 -13.25 34.80 -17.50
C TYR A 285 -14.28 35.85 -17.12
N SER A 286 -14.64 35.88 -15.84
CA SER A 286 -15.51 36.90 -15.25
C SER A 286 -14.75 37.54 -14.08
N TYR A 287 -14.29 36.73 -13.12
CA TYR A 287 -13.49 37.21 -11.96
C TYR A 287 -12.48 36.17 -11.44
N GLY A 288 -12.40 35.00 -12.07
CA GLY A 288 -11.56 33.88 -11.60
C GLY A 288 -12.34 32.90 -10.75
N GLY A 289 -13.67 32.94 -10.83
CA GLY A 289 -14.57 32.06 -10.06
C GLY A 289 -14.38 30.59 -10.39
N ALA A 290 -14.99 29.73 -9.60
CA ALA A 290 -14.72 28.29 -9.55
C ALA A 290 -15.15 27.58 -10.84
N GLY A 291 -16.10 28.14 -11.61
CA GLY A 291 -16.65 27.48 -12.81
C GLY A 291 -16.02 27.99 -14.10
N GLU A 292 -15.19 29.05 -14.04
CA GLU A 292 -14.78 29.76 -15.27
C GLU A 292 -13.78 28.93 -16.08
N GLY A 293 -13.81 29.04 -17.40
CA GLY A 293 -12.83 28.30 -18.23
C GLY A 293 -11.41 28.62 -17.84
N TRP A 294 -11.09 29.88 -17.61
CA TRP A 294 -9.76 30.37 -17.20
C TRP A 294 -9.29 29.58 -15.96
N THR A 295 -10.17 29.46 -14.98
CA THR A 295 -9.84 28.77 -13.72
C THR A 295 -9.49 27.31 -14.01
N TRP A 296 -10.26 26.66 -14.89
CA TRP A 296 -10.00 25.23 -15.25
C TRP A 296 -8.73 25.08 -16.10
N ALA A 297 -8.39 26.06 -16.94
CA ALA A 297 -7.11 25.98 -17.69
C ALA A 297 -5.98 25.95 -16.67
N ASN A 298 -6.10 26.77 -15.62
CA ASN A 298 -5.09 26.86 -14.55
C ASN A 298 -5.10 25.63 -13.66
N ASN A 299 -6.27 25.04 -13.40
CA ASN A 299 -6.35 23.81 -12.59
C ASN A 299 -5.59 22.68 -13.31
N VAL A 300 -5.74 22.60 -14.63
CA VAL A 300 -4.97 21.59 -15.41
C VAL A 300 -3.48 21.86 -15.27
N TYR A 301 -3.08 23.11 -15.47
CA TYR A 301 -1.67 23.51 -15.36
C TYR A 301 -1.12 23.01 -14.01
N ASN A 302 -1.82 23.35 -12.94
CA ASN A 302 -1.37 23.04 -11.56
C ASN A 302 -1.25 21.51 -11.40
N ALA A 303 -2.22 20.74 -11.86
CA ALA A 303 -2.18 19.26 -11.70
C ALA A 303 -0.95 18.69 -12.44
N ILE A 304 -0.64 19.22 -13.62
CA ILE A 304 0.50 18.71 -14.42
C ILE A 304 1.84 19.18 -13.83
N VAL A 305 1.97 20.47 -13.59
CA VAL A 305 3.30 21.04 -13.23
C VAL A 305 3.59 20.80 -11.74
N ASN A 306 2.60 20.96 -10.87
CA ASN A 306 2.83 20.82 -9.42
C ASN A 306 2.40 19.42 -8.91
N GLY A 307 1.39 18.82 -9.53
CA GLY A 307 0.85 17.50 -9.11
C GLY A 307 1.54 16.34 -9.79
N ASN A 308 2.37 16.63 -10.81
CA ASN A 308 3.05 15.59 -11.63
C ASN A 308 2.04 14.62 -12.25
N ALA A 309 0.87 15.11 -12.62
CA ALA A 309 -0.17 14.27 -13.24
C ALA A 309 0.20 13.97 -14.70
N SER A 310 -0.13 12.76 -15.12
CA SER A 310 0.02 12.29 -16.52
C SER A 310 -1.30 12.39 -17.27
N ALA A 311 -2.42 12.64 -16.58
CA ALA A 311 -3.72 12.83 -17.29
C ALA A 311 -4.64 13.67 -16.44
N TYR A 312 -5.62 14.26 -17.08
CA TYR A 312 -6.58 15.14 -16.38
C TYR A 312 -7.94 14.90 -17.00
N LEU A 313 -8.88 14.42 -16.18
CA LEU A 313 -10.27 14.18 -16.59
C LEU A 313 -11.22 15.05 -15.77
N TYR A 314 -12.03 15.82 -16.48
CA TYR A 314 -13.19 16.48 -15.85
C TYR A 314 -14.20 15.39 -15.48
N TRP A 315 -15.01 15.62 -14.46
CA TRP A 315 -15.99 14.64 -13.93
C TRP A 315 -16.90 14.13 -15.06
N ILE A 316 -17.69 15.00 -15.70
CA ILE A 316 -18.68 14.62 -16.72
C ILE A 316 -18.53 15.54 -17.94
N GLY A 317 -18.74 14.98 -19.11
CA GLY A 317 -18.67 15.75 -20.35
C GLY A 317 -19.95 16.50 -20.61
N ALA A 318 -20.90 15.82 -21.24
CA ALA A 318 -22.23 16.35 -21.56
C ALA A 318 -23.26 15.75 -20.61
N GLN A 319 -24.15 16.61 -20.12
N GLN A 319 -24.13 16.61 -20.10
CA GLN A 319 -25.17 16.32 -19.09
CA GLN A 319 -25.34 16.17 -19.37
C GLN A 319 -26.24 17.41 -19.15
C GLN A 319 -26.30 17.36 -19.31
N THR A 320 -27.48 17.08 -18.80
CA THR A 320 -28.53 18.10 -18.47
C THR A 320 -28.23 18.74 -17.12
N GLY A 321 -28.97 19.77 -16.74
CA GLY A 321 -28.83 20.38 -15.40
C GLY A 321 -28.05 21.67 -15.42
N ASN A 322 -28.11 22.36 -14.29
CA ASN A 322 -27.83 23.81 -14.17
C ASN A 322 -26.62 24.07 -13.26
N THR A 323 -25.76 23.07 -13.01
CA THR A 323 -24.50 23.31 -12.27
C THR A 323 -23.29 23.03 -13.16
N ASN A 324 -22.10 23.38 -12.67
CA ASN A 324 -20.83 23.21 -13.40
C ASN A 324 -20.22 21.82 -13.16
N SER A 325 -21.03 20.83 -12.85
CA SER A 325 -20.59 19.41 -12.71
C SER A 325 -20.08 18.88 -14.05
N HIS A 326 -20.42 19.53 -15.15
CA HIS A 326 -20.18 19.02 -16.51
C HIS A 326 -19.61 20.16 -17.38
N MET A 327 -19.03 19.78 -18.51
CA MET A 327 -18.40 20.76 -19.40
C MET A 327 -19.36 21.21 -20.51
N VAL A 328 -20.31 20.35 -20.88
CA VAL A 328 -21.17 20.58 -22.08
C VAL A 328 -22.63 20.45 -21.67
N HIS A 329 -23.41 21.49 -21.87
CA HIS A 329 -24.81 21.51 -21.40
C HIS A 329 -25.72 20.89 -22.46
N ILE A 330 -26.57 19.97 -22.05
CA ILE A 330 -27.65 19.41 -22.90
C ILE A 330 -28.95 20.09 -22.47
N ASP A 331 -29.67 20.65 -23.42
CA ASP A 331 -31.05 21.17 -23.26
C ASP A 331 -31.93 20.11 -23.91
N ALA A 332 -32.48 19.21 -23.12
CA ALA A 332 -33.20 18.04 -23.64
C ALA A 332 -34.44 18.50 -24.42
N ASN A 333 -35.07 19.63 -24.06
CA ASN A 333 -36.27 20.18 -24.75
C ASN A 333 -35.91 20.75 -26.13
N ALA A 334 -34.88 21.58 -26.20
CA ALA A 334 -34.44 22.20 -27.46
C ALA A 334 -33.73 21.15 -28.31
N GLY A 335 -33.21 20.07 -27.72
CA GLY A 335 -32.36 19.09 -28.42
C GLY A 335 -31.00 19.67 -28.73
N THR A 336 -30.53 20.60 -27.90
CA THR A 336 -29.29 21.33 -28.21
C THR A 336 -28.19 21.03 -27.18
N VAL A 337 -26.99 21.37 -27.60
CA VAL A 337 -25.72 21.11 -26.92
C VAL A 337 -24.97 22.42 -26.91
N GLU A 338 -24.52 22.86 -25.73
CA GLU A 338 -23.74 24.09 -25.57
C GLU A 338 -22.50 23.84 -24.74
N PRO A 339 -21.31 23.86 -25.39
CA PRO A 339 -20.08 23.75 -24.64
C PRO A 339 -19.81 25.00 -23.79
N SER A 340 -19.39 24.77 -22.56
CA SER A 340 -18.84 25.85 -21.71
C SER A 340 -17.40 26.12 -22.13
N LYS A 341 -16.84 27.21 -21.65
CA LYS A 341 -15.39 27.46 -21.84
C LYS A 341 -14.56 26.53 -20.95
N ARG A 342 -15.15 25.72 -20.08
CA ARG A 342 -14.37 24.65 -19.42
C ARG A 342 -14.05 23.53 -20.43
N LEU A 343 -14.99 23.22 -21.33
N LEU A 343 -14.98 23.21 -21.34
CA LEU A 343 -14.73 22.28 -22.45
CA LEU A 343 -14.61 22.23 -22.39
C LEU A 343 -13.53 22.80 -23.22
C LEU A 343 -13.45 22.81 -23.19
N TRP A 344 -13.56 24.08 -23.62
CA TRP A 344 -12.50 24.63 -24.49
C TRP A 344 -11.19 24.73 -23.72
N ALA A 345 -11.21 24.98 -22.40
CA ALA A 345 -9.97 24.99 -21.60
C ALA A 345 -9.30 23.62 -21.69
N LEU A 346 -10.04 22.55 -21.49
CA LEU A 346 -9.45 21.18 -21.52
C LEU A 346 -8.99 20.87 -22.95
N GLY A 347 -9.73 21.36 -23.95
CA GLY A 347 -9.34 21.11 -25.36
C GLY A 347 -8.12 21.90 -25.75
N GLN A 348 -7.91 23.07 -25.17
CA GLN A 348 -6.74 23.91 -25.46
C GLN A 348 -5.46 23.18 -25.01
N TRP A 349 -5.58 22.29 -24.05
CA TRP A 349 -4.52 21.31 -23.68
C TRP A 349 -4.56 20.13 -24.65
N SER A 350 -5.68 19.43 -24.71
CA SER A 350 -5.75 18.08 -25.31
C SER A 350 -5.57 18.06 -26.83
N ARG A 351 -5.95 19.11 -27.50
CA ARG A 351 -5.78 19.16 -28.97
C ARG A 351 -4.32 19.07 -29.36
N PHE A 352 -3.42 19.58 -28.52
CA PHE A 352 -2.02 19.85 -28.90
C PHE A 352 -1.06 18.98 -28.11
N VAL A 353 -1.41 18.62 -26.90
CA VAL A 353 -0.61 17.73 -26.02
C VAL A 353 -1.22 16.34 -26.14
N ARG A 354 -0.71 15.57 -27.11
CA ARG A 354 -1.32 14.29 -27.50
C ARG A 354 -0.72 13.16 -26.67
N PRO A 355 -1.41 12.01 -26.58
CA PRO A 355 -0.89 10.88 -25.81
C PRO A 355 0.56 10.56 -26.15
N GLY A 356 1.34 10.31 -25.11
CA GLY A 356 2.76 9.98 -25.23
C GLY A 356 3.65 11.19 -25.18
N ALA A 357 3.09 12.41 -25.14
CA ALA A 357 3.93 13.61 -25.08
C ALA A 357 4.77 13.57 -23.80
N ARG A 358 5.96 14.13 -23.88
CA ARG A 358 6.85 14.21 -22.69
C ARG A 358 6.93 15.67 -22.29
N ARG A 359 6.59 15.95 -21.04
CA ARG A 359 6.76 17.34 -20.55
C ARG A 359 8.27 17.65 -20.54
N VAL A 360 8.63 18.84 -20.97
CA VAL A 360 10.02 19.32 -21.08
C VAL A 360 10.11 20.72 -20.48
N ALA A 361 11.34 21.13 -20.17
CA ALA A 361 11.58 22.43 -19.54
C ALA A 361 11.36 23.54 -20.57
N VAL A 362 10.80 24.63 -20.11
CA VAL A 362 10.76 25.90 -20.88
C VAL A 362 11.08 27.06 -19.93
N SER A 363 11.94 27.96 -20.38
CA SER A 363 12.37 29.11 -19.58
C SER A 363 12.04 30.42 -20.29
N GLY A 364 11.92 31.48 -19.52
CA GLY A 364 11.85 32.87 -20.02
C GLY A 364 10.57 33.57 -19.69
N ALA A 365 9.59 32.91 -19.06
CA ALA A 365 8.28 33.50 -18.72
C ALA A 365 8.44 34.80 -17.91
N SER A 366 7.74 35.87 -18.32
CA SER A 366 7.57 37.15 -17.55
C SER A 366 6.48 36.95 -16.48
N GLY A 367 6.29 37.88 -15.54
CA GLY A 367 5.41 37.70 -14.35
C GLY A 367 3.97 37.28 -14.65
N SER A 368 3.36 37.83 -15.70
N SER A 368 3.36 37.82 -15.69
CA SER A 368 1.94 37.55 -16.09
CA SER A 368 1.94 37.54 -16.05
C SER A 368 1.79 36.21 -16.82
C SER A 368 1.80 36.30 -16.97
N LEU A 369 2.89 35.58 -17.23
CA LEU A 369 2.84 34.35 -18.06
C LEU A 369 3.20 33.14 -17.22
N ARG A 370 2.38 32.11 -17.29
CA ARG A 370 2.74 30.78 -16.79
C ARG A 370 2.86 29.88 -18.01
N THR A 371 3.93 29.11 -18.08
CA THR A 371 4.30 28.33 -19.28
C THR A 371 4.62 26.88 -18.93
N ALA A 372 4.37 26.00 -19.88
CA ALA A 372 4.80 24.60 -19.84
C ALA A 372 5.01 24.17 -21.28
N ALA A 373 5.78 23.13 -21.46
CA ALA A 373 6.10 22.63 -22.81
C ALA A 373 6.08 21.10 -22.85
N PHE A 374 5.77 20.61 -24.03
CA PHE A 374 5.54 19.15 -24.26
C PHE A 374 6.07 18.77 -25.61
N ARG A 375 6.86 17.70 -25.61
CA ARG A 375 7.38 17.12 -26.87
C ARG A 375 6.50 15.92 -27.21
N ASN A 376 5.74 16.04 -28.31
CA ASN A 376 4.86 14.96 -28.76
C ASN A 376 5.72 13.86 -29.37
N GLU A 377 5.15 12.68 -29.47
CA GLU A 377 5.82 11.50 -30.07
C GLU A 377 6.29 11.80 -31.50
N ASP A 378 5.57 12.65 -32.21
CA ASP A 378 5.89 13.03 -33.59
C ASP A 378 6.94 14.14 -33.66
N GLY A 379 7.53 14.55 -32.54
CA GLY A 379 8.58 15.59 -32.59
C GLY A 379 8.01 17.01 -32.53
N SER A 380 6.69 17.17 -32.68
CA SER A 380 6.10 18.53 -32.53
C SER A 380 6.21 18.96 -31.07
N VAL A 381 6.44 20.23 -30.84
CA VAL A 381 6.63 20.79 -29.47
C VAL A 381 5.53 21.82 -29.19
N ALA A 382 4.66 21.49 -28.24
CA ALA A 382 3.52 22.34 -27.83
C ALA A 382 3.93 23.14 -26.59
N VAL A 383 3.84 24.45 -26.71
CA VAL A 383 4.18 25.38 -25.63
C VAL A 383 2.91 26.08 -25.20
N VAL A 384 2.52 25.79 -23.97
CA VAL A 384 1.32 26.40 -23.34
C VAL A 384 1.74 27.72 -22.73
N VAL A 385 0.97 28.77 -23.00
CA VAL A 385 1.16 30.11 -22.39
C VAL A 385 -0.17 30.54 -21.79
N ILE A 386 -0.22 30.63 -20.46
CA ILE A 386 -1.40 31.17 -19.76
C ILE A 386 -1.07 32.60 -19.34
N ASN A 387 -1.80 33.57 -19.87
CA ASN A 387 -1.45 35.00 -19.78
C ASN A 387 -2.52 35.70 -18.96
N SER A 388 -2.18 36.13 -17.73
N SER A 388 -2.17 36.13 -17.74
CA SER A 388 -3.11 36.87 -16.84
CA SER A 388 -3.06 36.89 -16.84
C SER A 388 -3.05 38.38 -17.10
C SER A 388 -3.21 38.34 -17.30
N GLY A 389 -2.21 38.84 -18.04
CA GLY A 389 -2.10 40.26 -18.34
C GLY A 389 -2.75 40.65 -19.65
N GLY A 390 -2.36 41.82 -20.14
CA GLY A 390 -2.79 42.30 -21.45
C GLY A 390 -2.10 41.51 -22.54
N ASP A 391 -2.48 41.76 -23.80
CA ASP A 391 -1.82 41.12 -24.96
C ASP A 391 -0.31 41.15 -24.74
N ALA A 392 0.36 40.02 -24.98
CA ALA A 392 1.80 39.81 -24.76
C ALA A 392 2.47 39.29 -26.03
N ALA A 393 3.39 40.07 -26.57
CA ALA A 393 4.28 39.63 -27.67
C ALA A 393 5.23 38.58 -27.13
N VAL A 394 5.20 37.38 -27.71
CA VAL A 394 6.05 36.26 -27.25
C VAL A 394 6.76 35.65 -28.47
N ASN A 395 7.99 35.24 -28.27
CA ASN A 395 8.78 34.43 -29.21
C ASN A 395 8.89 33.05 -28.58
N VAL A 396 8.81 32.02 -29.39
CA VAL A 396 8.90 30.61 -28.93
C VAL A 396 9.96 29.92 -29.79
N ARG A 397 10.94 29.29 -29.15
CA ARG A 397 12.10 28.69 -29.85
C ARG A 397 12.56 27.49 -29.04
N LEU A 398 13.33 26.63 -29.67
CA LEU A 398 14.14 25.61 -28.95
C LEU A 398 15.46 26.21 -28.52
N ALA A 399 16.03 25.61 -27.46
CA ALA A 399 17.38 25.97 -26.95
C ALA A 399 18.39 25.76 -28.08
N SER A 400 19.41 26.62 -28.12
CA SER A 400 20.44 26.65 -29.20
C SER A 400 21.17 25.30 -29.22
N SER A 401 21.16 24.58 -28.09
CA SER A 401 21.70 23.20 -27.93
C SER A 401 20.99 22.20 -28.86
N SER A 402 19.82 22.53 -29.41
CA SER A 402 18.96 21.56 -30.15
C SER A 402 19.66 21.10 -31.44
N SER A 403 19.49 19.83 -31.83
CA SER A 403 19.86 19.32 -33.19
C SER A 403 19.02 20.09 -34.21
N ALA A 404 19.62 20.48 -35.33
CA ALA A 404 18.98 21.30 -36.38
C ALA A 404 17.73 20.57 -36.92
N ASP A 405 17.70 19.22 -36.92
CA ASP A 405 16.52 18.45 -37.42
C ASP A 405 15.42 18.33 -36.34
N GLN A 406 15.67 18.78 -35.11
CA GLN A 406 14.62 18.94 -34.07
C GLN A 406 13.96 20.31 -34.27
N GLN A 407 14.72 21.23 -34.88
CA GLN A 407 14.31 22.66 -35.04
C GLN A 407 13.10 22.69 -35.96
N PRO A 408 12.08 23.49 -35.61
CA PRO A 408 10.90 23.53 -36.42
C PRO A 408 11.23 24.02 -37.84
N ALA A 409 10.41 23.56 -38.77
CA ALA A 409 10.31 24.11 -40.14
C ALA A 409 9.02 24.91 -40.33
N SER A 410 8.10 24.80 -39.36
CA SER A 410 6.82 25.55 -39.38
C SER A 410 6.29 25.68 -37.95
N ALA A 411 5.32 26.57 -37.78
CA ALA A 411 4.65 26.77 -36.48
C ALA A 411 3.21 27.19 -36.71
N LYS A 412 2.35 26.79 -35.78
CA LYS A 412 0.97 27.27 -35.67
C LYS A 412 0.69 27.65 -34.22
N ALA A 413 -0.39 28.38 -34.01
CA ALA A 413 -0.82 28.77 -32.66
C ALA A 413 -2.33 28.87 -32.61
N TRP A 414 -2.87 28.59 -31.43
CA TRP A 414 -4.31 28.69 -31.16
C TRP A 414 -4.50 29.31 -29.78
N ALA A 415 -5.59 30.02 -29.63
CA ALA A 415 -5.93 30.65 -28.33
C ALA A 415 -7.39 30.40 -27.99
N THR A 416 -7.62 30.30 -26.68
CA THR A 416 -8.97 30.33 -26.06
C THR A 416 -9.03 31.51 -25.07
N ASP A 417 -10.11 32.25 -25.16
CA ASP A 417 -10.32 33.44 -24.30
C ASP A 417 -11.82 33.73 -24.28
N ASN A 418 -12.20 34.92 -23.83
CA ASN A 418 -13.66 35.22 -23.78
C ASN A 418 -14.32 35.22 -25.16
N SER A 419 -13.56 35.43 -26.23
CA SER A 419 -14.13 35.52 -27.61
C SER A 419 -13.73 34.37 -28.53
N ARG A 420 -12.78 33.54 -28.13
CA ARG A 420 -12.15 32.53 -28.99
C ARG A 420 -12.33 31.16 -28.35
N ALA A 421 -12.64 30.15 -29.16
CA ALA A 421 -12.65 28.75 -28.74
C ALA A 421 -11.62 28.01 -29.58
N ILE A 422 -10.43 27.80 -29.05
CA ILE A 422 -9.33 27.10 -29.76
C ILE A 422 -9.28 27.65 -31.19
N GLU A 423 -9.15 28.96 -31.30
CA GLU A 423 -9.12 29.67 -32.60
C GLU A 423 -7.67 29.87 -33.03
N GLU A 424 -7.41 29.60 -34.29
CA GLU A 424 -6.04 29.77 -34.82
C GLU A 424 -5.70 31.27 -34.75
N ILE A 425 -4.50 31.58 -34.30
CA ILE A 425 -3.94 32.97 -34.35
C ILE A 425 -2.64 32.93 -35.15
N GLN A 426 -2.11 34.09 -35.48
CA GLN A 426 -0.90 34.15 -36.33
C GLN A 426 0.31 33.64 -35.55
N ALA A 427 1.06 32.74 -36.17
CA ALA A 427 2.38 32.33 -35.66
C ALA A 427 3.37 32.66 -36.76
N SER A 428 3.95 33.86 -36.72
CA SER A 428 4.94 34.29 -37.73
C SER A 428 6.25 33.55 -37.46
N PHE A 429 6.75 32.88 -38.49
CA PHE A 429 7.83 31.90 -38.34
C PHE A 429 9.04 32.32 -39.15
N ALA A 430 10.16 32.50 -38.47
CA ALA A 430 11.42 32.90 -39.14
C ALA A 430 12.58 32.19 -38.47
N ASP A 431 13.29 31.40 -39.25
CA ASP A 431 14.61 30.86 -38.82
CA ASP A 431 14.60 30.80 -38.85
C ASP A 431 14.47 30.14 -37.47
N GLY A 432 13.46 29.26 -37.34
CA GLY A 432 13.25 28.41 -36.15
C GLY A 432 12.48 29.08 -35.03
N VAL A 433 12.09 30.35 -35.18
CA VAL A 433 11.45 31.14 -34.09
C VAL A 433 10.01 31.49 -34.48
N ALA A 434 9.04 31.15 -33.63
CA ALA A 434 7.62 31.50 -33.82
C ALA A 434 7.32 32.74 -32.99
N THR A 435 6.70 33.72 -33.62
CA THR A 435 6.35 34.98 -32.96
C THR A 435 4.83 35.09 -32.96
N VAL A 436 4.28 35.31 -31.77
N VAL A 436 4.27 35.30 -31.77
CA VAL A 436 2.80 35.32 -31.59
CA VAL A 436 2.80 35.24 -31.53
C VAL A 436 2.43 36.49 -30.69
C VAL A 436 2.38 36.39 -30.61
N ASN A 437 1.22 36.99 -30.87
CA ASN A 437 0.58 37.93 -29.94
C ASN A 437 -0.36 37.10 -29.05
N VAL A 438 0.08 36.81 -27.83
CA VAL A 438 -0.72 36.02 -26.86
C VAL A 438 -1.81 36.92 -26.32
N PRO A 439 -3.09 36.64 -26.64
CA PRO A 439 -4.16 37.55 -26.23
C PRO A 439 -4.26 37.69 -24.71
N SER A 440 -4.79 38.84 -24.29
N SER A 440 -4.70 38.86 -24.25
CA SER A 440 -5.15 39.19 -22.90
CA SER A 440 -4.95 39.14 -22.82
C SER A 440 -5.95 38.05 -22.26
C SER A 440 -5.89 38.09 -22.25
N ARG A 441 -5.59 37.65 -21.02
CA ARG A 441 -6.42 36.70 -20.24
C ARG A 441 -6.76 35.49 -21.11
N SER A 442 -5.76 34.84 -21.68
CA SER A 442 -5.99 33.70 -22.59
C SER A 442 -5.15 32.52 -22.16
N MET A 443 -5.51 31.38 -22.70
CA MET A 443 -4.55 30.26 -22.83
C MET A 443 -4.25 30.07 -24.31
N THR A 444 -2.99 30.25 -24.63
CA THR A 444 -2.49 30.09 -26.01
C THR A 444 -1.56 28.90 -26.07
N THR A 445 -1.68 28.11 -27.12
CA THR A 445 -0.74 27.02 -27.37
C THR A 445 -0.05 27.23 -28.70
N VAL A 446 1.26 27.30 -28.64
CA VAL A 446 2.13 27.47 -29.83
C VAL A 446 2.77 26.13 -30.12
N VAL A 447 2.69 25.68 -31.37
CA VAL A 447 3.25 24.36 -31.75
C VAL A 447 4.33 24.57 -32.82
N LEU A 448 5.50 24.05 -32.50
CA LEU A 448 6.69 24.05 -33.38
C LEU A 448 6.74 22.67 -34.05
N TYR A 449 6.72 22.65 -35.38
CA TYR A 449 6.65 21.38 -36.12
C TYR A 449 7.96 21.15 -36.86
N PRO A 450 8.59 19.99 -36.70
CA PRO A 450 9.74 19.69 -37.54
C PRO A 450 9.23 19.40 -38.96
N ALA A 451 10.17 19.40 -39.91
CA ALA A 451 9.89 19.13 -41.33
C ALA A 451 9.44 17.67 -41.50
N ALA A 452 10.02 16.76 -40.71
CA ALA A 452 9.68 15.31 -40.69
C ALA A 452 9.91 14.75 -42.11
N ASP A 453 8.89 14.14 -42.71
CA ASP A 453 8.95 13.46 -44.05
C ASP A 453 8.86 14.52 -45.17
N ALA A 454 8.27 15.69 -44.89
CA ALA A 454 7.96 16.74 -45.89
C ALA A 454 9.25 17.31 -46.50
N LEU A 455 9.29 17.35 -47.84
CA LEU A 455 10.23 18.18 -48.65
C LEU A 455 9.67 19.60 -48.76
N GLY B 3 -16.46 -38.16 13.15
CA GLY B 3 -14.98 -37.97 13.30
C GLY B 3 -14.61 -37.41 14.65
N THR B 4 -13.43 -36.77 14.76
CA THR B 4 -13.02 -36.02 15.97
C THR B 4 -13.79 -34.70 16.00
N THR B 5 -14.43 -34.39 17.12
CA THR B 5 -15.10 -33.09 17.33
C THR B 5 -14.29 -32.29 18.36
N LEU B 6 -13.86 -31.10 17.94
CA LEU B 6 -13.10 -30.14 18.78
C LEU B 6 -14.06 -29.04 19.17
N THR B 7 -14.27 -28.90 20.48
CA THR B 7 -15.26 -27.99 21.08
C THR B 7 -14.46 -26.90 21.79
N VAL B 8 -14.60 -25.67 21.33
CA VAL B 8 -13.90 -24.50 21.89
C VAL B 8 -14.75 -23.94 23.04
N ASP B 9 -14.15 -23.82 24.21
CA ASP B 9 -14.81 -23.22 25.39
C ASP B 9 -14.29 -21.80 25.58
N LEU B 10 -15.03 -20.80 25.07
CA LEU B 10 -14.59 -19.39 25.15
C LEU B 10 -14.61 -18.84 26.60
N SER B 11 -15.23 -19.56 27.54
N SER B 11 -15.26 -19.54 27.54
CA SER B 11 -15.36 -19.15 28.96
CA SER B 11 -15.34 -19.12 28.96
C SER B 11 -14.16 -19.62 29.80
C SER B 11 -14.01 -19.39 29.68
N THR B 12 -13.22 -20.36 29.19
CA THR B 12 -11.94 -20.80 29.84
C THR B 12 -10.78 -20.19 29.05
N THR B 13 -10.05 -19.27 29.67
CA THR B 13 -9.06 -18.43 28.96
C THR B 13 -7.69 -18.55 29.61
N TYR B 14 -6.66 -18.33 28.80
CA TYR B 14 -5.24 -18.32 29.22
C TYR B 14 -4.61 -16.97 28.86
N GLN B 15 -3.40 -17.00 28.31
CA GLN B 15 -2.61 -15.79 28.03
C GLN B 15 -3.11 -15.11 26.75
N ARG B 16 -2.77 -13.83 26.64
CA ARG B 16 -2.95 -13.04 25.41
C ARG B 16 -1.79 -13.37 24.49
N ILE B 17 -2.03 -13.34 23.18
CA ILE B 17 -0.96 -13.52 22.16
C ILE B 17 -0.68 -12.16 21.54
N ASP B 18 0.56 -11.70 21.70
CA ASP B 18 1.07 -10.42 21.16
C ASP B 18 1.56 -10.62 19.73
N GLY B 19 1.96 -11.82 19.36
CA GLY B 19 2.34 -12.06 17.96
C GLY B 19 3.52 -12.98 17.79
N PHE B 20 4.04 -12.94 16.56
CA PHE B 20 5.09 -13.85 16.07
C PHE B 20 6.02 -12.98 15.24
N GLY B 21 7.32 -13.29 15.23
CA GLY B 21 8.22 -12.45 14.43
C GLY B 21 9.64 -12.97 14.35
N THR B 22 10.54 -12.04 14.09
CA THR B 22 11.97 -12.35 13.92
C THR B 22 12.72 -11.02 13.93
N SER B 23 14.00 -11.07 13.58
CA SER B 23 14.92 -9.93 13.58
C SER B 23 15.73 -9.89 12.27
N GLU B 24 16.23 -8.71 11.93
CA GLU B 24 17.24 -8.53 10.85
C GLU B 24 18.43 -7.76 11.45
N ALA B 25 18.75 -8.02 12.72
CA ALA B 25 19.88 -7.36 13.39
C ALA B 25 21.20 -7.85 12.78
N PHE B 26 22.28 -7.23 13.22
CA PHE B 26 23.67 -7.59 12.86
C PHE B 26 23.80 -7.61 11.33
N GLN B 27 23.26 -6.56 10.70
CA GLN B 27 23.36 -6.29 9.25
C GLN B 27 22.68 -7.37 8.40
N ARG B 28 21.84 -8.21 8.99
CA ARG B 28 21.01 -9.12 8.16
C ARG B 28 20.08 -8.26 7.28
N ALA B 29 19.64 -7.10 7.76
CA ALA B 29 18.87 -6.13 6.95
C ALA B 29 19.72 -5.57 5.81
N VAL B 30 21.02 -5.39 6.02
CA VAL B 30 21.95 -4.90 4.96
C VAL B 30 22.07 -6.00 3.89
N GLN B 31 22.12 -7.28 4.29
CA GLN B 31 22.16 -8.38 3.29
C GLN B 31 20.91 -8.26 2.40
N MET B 32 19.75 -8.08 3.04
CA MET B 32 18.45 -7.98 2.32
C MET B 32 18.51 -6.79 1.36
N SER B 33 19.13 -5.70 1.79
CA SER B 33 19.15 -4.39 1.07
C SER B 33 19.99 -4.50 -0.21
N ARG B 34 20.85 -5.49 -0.28
CA ARG B 34 21.77 -5.71 -1.43
C ARG B 34 21.14 -6.60 -2.50
N LEU B 35 19.96 -7.17 -2.24
CA LEU B 35 19.18 -7.92 -3.25
C LEU B 35 18.68 -6.96 -4.32
N PRO B 36 18.42 -7.45 -5.55
CA PRO B 36 17.64 -6.67 -6.52
C PRO B 36 16.28 -6.31 -5.92
N GLU B 37 15.68 -5.22 -6.42
CA GLU B 37 14.32 -4.75 -6.04
C GLU B 37 13.35 -5.94 -5.88
N GLU B 38 13.29 -6.84 -6.87
CA GLU B 38 12.35 -8.00 -6.90
C GLU B 38 12.65 -8.96 -5.74
N GLY B 39 13.92 -9.24 -5.48
CA GLY B 39 14.37 -10.06 -4.34
C GLY B 39 14.04 -9.41 -3.00
N GLN B 40 14.28 -8.11 -2.88
CA GLN B 40 13.95 -7.35 -1.63
C GLN B 40 12.47 -7.51 -1.35
N ARG B 41 11.64 -7.30 -2.38
CA ARG B 41 10.16 -7.36 -2.24
C ARG B 41 9.74 -8.79 -1.86
N ARG B 42 10.30 -9.82 -2.48
CA ARG B 42 9.91 -11.23 -2.17
CA ARG B 42 9.93 -11.23 -2.17
C ARG B 42 10.28 -11.52 -0.71
N ALA B 43 11.44 -11.05 -0.23
CA ALA B 43 11.88 -11.30 1.15
C ALA B 43 10.90 -10.65 2.11
N LEU B 44 10.59 -9.36 1.86
CA LEU B 44 9.64 -8.59 2.71
C LEU B 44 8.26 -9.25 2.68
N ASP B 45 7.80 -9.66 1.50
CA ASP B 45 6.48 -10.32 1.32
C ASP B 45 6.42 -11.60 2.17
N VAL B 46 7.37 -12.53 2.02
CA VAL B 46 7.25 -13.87 2.68
C VAL B 46 7.33 -13.65 4.20
N LEU B 47 8.07 -12.65 4.65
CA LEU B 47 8.13 -12.35 6.11
C LEU B 47 6.84 -11.70 6.61
N PHE B 48 6.34 -10.65 5.95
CA PHE B 48 5.32 -9.75 6.58
C PHE B 48 3.94 -9.81 5.93
N SER B 49 3.80 -10.33 4.71
CA SER B 49 2.48 -10.26 4.02
C SER B 49 1.43 -11.07 4.80
N THR B 50 0.30 -10.42 5.12
CA THR B 50 -0.81 -11.06 5.85
C THR B 50 -1.75 -11.80 4.91
N THR B 51 -1.48 -11.75 3.61
CA THR B 51 -2.33 -12.44 2.60
C THR B 51 -1.52 -13.53 1.91
N ASN B 52 -0.22 -13.32 1.69
CA ASN B 52 0.59 -14.21 0.81
C ASN B 52 1.97 -14.47 1.42
N GLY B 53 2.13 -14.25 2.72
CA GLY B 53 3.39 -14.61 3.41
C GLY B 53 3.10 -15.15 4.79
N ALA B 54 4.11 -15.04 5.68
CA ALA B 54 4.03 -15.52 7.07
C ALA B 54 3.20 -14.57 7.95
N GLY B 55 2.93 -13.36 7.50
CA GLY B 55 2.15 -12.39 8.31
C GLY B 55 2.81 -12.16 9.66
N LEU B 56 4.14 -12.13 9.72
CA LEU B 56 4.82 -11.87 11.02
C LEU B 56 4.38 -10.52 11.56
N SER B 57 4.05 -10.48 12.86
CA SER B 57 3.38 -9.33 13.48
C SER B 57 4.30 -8.58 14.46
N ILE B 58 5.52 -9.08 14.68
CA ILE B 58 6.53 -8.41 15.55
C ILE B 58 7.86 -8.37 14.83
N LEU B 59 8.50 -7.20 14.79
CA LEU B 59 9.90 -7.08 14.37
C LEU B 59 10.74 -6.72 15.60
N ARG B 60 11.81 -7.48 15.80
CA ARG B 60 12.82 -7.21 16.88
C ARG B 60 14.06 -6.62 16.21
N ASN B 61 14.43 -5.42 16.59
CA ASN B 61 15.63 -4.72 16.08
C ASN B 61 16.70 -4.66 17.18
N GLY B 62 17.96 -4.61 16.77
CA GLY B 62 19.09 -4.30 17.67
C GLY B 62 19.37 -2.81 17.74
N ILE B 63 19.59 -2.29 18.94
CA ILE B 63 20.00 -0.88 19.15
C ILE B 63 21.53 -0.90 19.11
N GLY B 64 22.08 -0.49 17.99
CA GLY B 64 23.51 -0.73 17.70
C GLY B 64 24.42 -0.06 18.70
N SER B 65 25.49 -0.73 19.05
CA SER B 65 26.42 -0.29 20.11
C SER B 65 27.82 -0.01 19.56
N SER B 66 28.08 -0.32 18.28
CA SER B 66 29.48 -0.40 17.78
C SER B 66 29.92 0.96 17.22
N PRO B 67 31.25 1.19 17.12
CA PRO B 67 31.75 2.46 16.56
C PRO B 67 31.54 2.65 15.05
N ASP B 68 31.30 1.55 14.33
CA ASP B 68 31.19 1.59 12.84
C ASP B 68 30.46 0.34 12.36
N MET B 69 30.30 0.20 11.04
CA MET B 69 29.63 -0.97 10.43
C MET B 69 30.62 -2.00 9.85
N SER B 70 31.82 -2.10 10.44
N SER B 70 31.84 -2.11 10.40
CA SER B 70 32.81 -3.18 10.14
CA SER B 70 32.81 -3.16 9.99
C SER B 70 32.11 -4.53 10.29
C SER B 70 32.20 -4.51 10.34
N SER B 71 32.59 -5.57 9.62
CA SER B 71 32.06 -6.94 9.81
C SER B 71 30.52 -6.88 9.71
N ASP B 72 29.79 -7.45 10.68
CA ASP B 72 28.31 -7.44 10.74
C ASP B 72 27.86 -6.55 11.90
N HIS B 73 28.71 -5.60 12.33
CA HIS B 73 28.47 -4.78 13.55
C HIS B 73 27.34 -3.79 13.30
N MET B 74 26.50 -3.55 14.30
CA MET B 74 25.47 -2.52 14.22
C MET B 74 26.07 -1.22 14.80
N VAL B 75 26.26 -0.23 13.92
CA VAL B 75 26.76 1.10 14.36
C VAL B 75 25.74 1.74 15.29
N SER B 76 26.24 2.35 16.35
CA SER B 76 25.48 3.15 17.32
C SER B 76 25.07 4.50 16.74
N ILE B 77 23.98 5.05 17.25
CA ILE B 77 23.55 6.45 16.99
C ILE B 77 24.49 7.44 17.67
N ALA B 78 25.30 6.99 18.64
CA ALA B 78 26.23 7.88 19.36
C ALA B 78 27.55 7.13 19.52
N PRO B 79 28.28 6.87 18.42
CA PRO B 79 29.51 6.08 18.48
C PRO B 79 30.73 6.74 19.16
N LYS B 80 30.77 8.08 19.25
CA LYS B 80 31.91 8.83 19.81
C LYS B 80 31.55 9.38 21.20
N SER B 81 32.44 9.16 22.16
CA SER B 81 32.27 9.64 23.55
C SER B 81 32.15 11.15 23.58
N PRO B 82 31.23 11.68 24.40
CA PRO B 82 31.18 13.13 24.67
C PRO B 82 32.13 13.60 25.77
N GLY B 83 32.91 12.68 26.37
CA GLY B 83 34.00 12.99 27.32
C GLY B 83 33.60 12.86 28.78
N SER B 84 32.34 13.11 29.09
CA SER B 84 31.75 12.99 30.44
C SER B 84 30.30 12.58 30.28
N PRO B 85 29.74 11.76 31.20
CA PRO B 85 28.32 11.46 31.19
C PRO B 85 27.47 12.71 31.46
N ASN B 86 28.08 13.78 31.98
CA ASN B 86 27.37 15.05 32.25
C ASN B 86 27.27 15.89 30.96
N ASN B 87 27.98 15.51 29.89
CA ASN B 87 27.84 16.21 28.59
C ASN B 87 26.71 15.61 27.77
N PRO B 88 25.99 16.44 26.98
CA PRO B 88 25.07 15.91 25.97
C PRO B 88 25.81 14.86 25.13
N LEU B 89 25.13 13.78 24.80
CA LEU B 89 25.68 12.77 23.86
C LEU B 89 25.78 13.40 22.48
N ILE B 90 26.70 12.86 21.70
CA ILE B 90 26.96 13.28 20.31
C ILE B 90 26.25 12.28 19.42
N TYR B 91 25.09 12.68 18.90
CA TYR B 91 24.27 11.83 18.02
C TYR B 91 24.70 12.07 16.58
N SER B 92 24.87 10.98 15.84
CA SER B 92 25.16 11.02 14.39
C SER B 92 24.18 10.09 13.68
N TRP B 93 22.89 10.40 13.80
CA TRP B 93 21.78 9.63 13.17
C TRP B 93 22.02 9.53 11.66
N ASP B 94 22.10 8.32 11.11
CA ASP B 94 22.48 8.11 9.70
C ASP B 94 21.23 7.89 8.83
N GLY B 95 20.03 7.87 9.41
CA GLY B 95 18.76 7.64 8.69
C GLY B 95 18.65 6.21 8.16
N SER B 96 19.50 5.29 8.63
CA SER B 96 19.50 3.86 8.21
C SER B 96 19.33 2.92 9.41
N ASP B 97 20.06 3.13 10.49
CA ASP B 97 20.11 2.16 11.62
C ASP B 97 20.39 0.75 11.10
N ASN B 98 21.46 0.58 10.32
CA ASN B 98 21.95 -0.76 9.93
C ASN B 98 20.89 -1.45 9.06
N LYS B 99 20.19 -0.63 8.27
CA LYS B 99 19.07 -0.98 7.34
C LYS B 99 17.85 -1.52 8.09
N GLN B 100 17.83 -1.43 9.42
CA GLN B 100 16.65 -1.87 10.20
C GLN B 100 15.52 -0.84 10.07
N LEU B 101 15.83 0.44 9.84
CA LEU B 101 14.76 1.46 9.71
C LEU B 101 13.94 1.14 8.45
N TRP B 102 14.61 0.82 7.34
CA TRP B 102 13.94 0.41 6.07
C TRP B 102 13.05 -0.80 6.32
N VAL B 103 13.60 -1.85 6.93
CA VAL B 103 12.79 -3.06 7.20
C VAL B 103 11.58 -2.67 8.05
N SER B 104 11.80 -1.83 9.07
CA SER B 104 10.71 -1.39 9.99
C SER B 104 9.64 -0.60 9.22
N GLN B 105 10.07 0.37 8.43
CA GLN B 105 9.14 1.19 7.62
C GLN B 105 8.30 0.27 6.72
N GLU B 106 8.93 -0.70 6.05
CA GLU B 106 8.20 -1.67 5.19
C GLU B 106 7.21 -2.44 6.09
N ALA B 107 7.70 -3.04 7.17
CA ALA B 107 6.83 -3.86 8.04
C ALA B 107 5.57 -3.05 8.42
N VAL B 108 5.78 -1.82 8.91
CA VAL B 108 4.71 -0.96 9.48
C VAL B 108 3.85 -0.41 8.34
N HIS B 109 4.43 0.31 7.38
CA HIS B 109 3.64 1.12 6.42
C HIS B 109 3.20 0.27 5.23
N THR B 110 3.95 -0.76 4.87
CA THR B 110 3.53 -1.59 3.73
C THR B 110 2.67 -2.76 4.21
N TYR B 111 3.04 -3.39 5.33
CA TYR B 111 2.41 -4.67 5.75
C TYR B 111 1.54 -4.56 7.01
N GLY B 112 1.52 -3.41 7.70
CA GLY B 112 0.59 -3.18 8.83
C GLY B 112 1.09 -3.70 10.18
N VAL B 113 2.39 -3.99 10.29
CA VAL B 113 2.97 -4.41 11.59
C VAL B 113 2.85 -3.22 12.57
N LYS B 114 2.51 -3.49 13.83
CA LYS B 114 2.28 -2.42 14.85
C LYS B 114 3.15 -2.64 16.09
N THR B 115 3.94 -3.71 16.10
CA THR B 115 4.75 -4.06 17.29
C THR B 115 6.22 -4.10 16.88
N ILE B 116 7.00 -3.19 17.46
CA ILE B 116 8.42 -3.00 17.13
C ILE B 116 9.17 -3.09 18.44
N TYR B 117 9.99 -4.11 18.62
CA TYR B 117 10.78 -4.34 19.86
C TYR B 117 12.22 -3.95 19.57
N ALA B 118 12.73 -2.86 20.17
CA ALA B 118 14.14 -2.45 20.01
C ALA B 118 14.90 -2.87 21.27
N ASP B 119 15.99 -3.64 21.09
CA ASP B 119 16.80 -4.20 22.19
C ASP B 119 18.29 -3.90 21.98
N ALA B 120 18.93 -3.24 22.96
CA ALA B 120 20.39 -3.03 22.98
C ALA B 120 21.08 -4.30 23.49
N TRP B 121 22.09 -4.80 22.79
CA TRP B 121 22.95 -5.92 23.26
C TRP B 121 24.08 -5.39 24.13
N SER B 122 24.37 -4.09 24.02
CA SER B 122 25.39 -3.40 24.82
C SER B 122 25.13 -1.90 24.78
N ALA B 123 25.61 -1.20 25.79
CA ALA B 123 25.80 0.25 25.71
C ALA B 123 26.98 0.51 24.77
N PRO B 124 27.16 1.74 24.28
CA PRO B 124 28.42 2.10 23.63
C PRO B 124 29.59 1.84 24.58
N GLY B 125 30.76 1.51 24.02
CA GLY B 125 31.96 1.11 24.80
C GLY B 125 32.37 2.16 25.85
N TYR B 126 32.26 3.45 25.51
CA TYR B 126 32.66 4.55 26.41
C TYR B 126 31.76 4.64 27.66
N MET B 127 30.63 3.93 27.68
CA MET B 127 29.74 3.90 28.89
C MET B 127 30.06 2.71 29.78
N LYS B 128 31.05 1.88 29.44
CA LYS B 128 31.24 0.56 30.08
C LYS B 128 32.59 0.45 30.78
N THR B 129 32.65 -0.48 31.72
CA THR B 129 33.83 -0.74 32.56
C THR B 129 35.04 -1.10 31.70
N ASN B 130 34.82 -1.79 30.57
CA ASN B 130 35.90 -2.36 29.71
C ASN B 130 36.18 -1.45 28.50
N GLY B 131 35.38 -0.40 28.31
CA GLY B 131 35.66 0.60 27.26
C GLY B 131 35.30 0.07 25.87
N ASN B 132 34.54 -1.02 25.77
CA ASN B 132 34.31 -1.76 24.49
C ASN B 132 32.87 -2.28 24.48
N ASP B 133 32.17 -2.17 23.35
CA ASP B 133 30.80 -2.73 23.24
C ASP B 133 30.85 -4.25 23.18
N ALA B 134 31.96 -4.85 22.77
CA ALA B 134 32.15 -6.32 22.72
C ALA B 134 32.85 -6.81 23.99
N ASN B 135 32.86 -8.13 24.22
CA ASN B 135 33.68 -8.77 25.27
C ASN B 135 33.11 -8.42 26.66
N GLY B 136 31.79 -8.32 26.77
CA GLY B 136 31.16 -8.17 28.09
C GLY B 136 31.49 -6.82 28.70
N GLY B 137 31.78 -6.80 30.00
CA GLY B 137 31.85 -5.54 30.75
C GLY B 137 30.46 -5.07 31.14
N THR B 138 30.40 -4.06 32.00
CA THR B 138 29.13 -3.59 32.57
C THR B 138 29.00 -2.08 32.36
N LEU B 139 27.77 -1.58 32.49
CA LEU B 139 27.45 -0.13 32.48
C LEU B 139 28.07 0.58 33.68
N CYS B 140 28.90 1.58 33.40
CA CYS B 140 29.57 2.41 34.43
C CYS B 140 28.52 3.05 35.31
N GLY B 141 28.67 2.87 36.63
CA GLY B 141 27.89 3.59 37.64
C GLY B 141 26.90 2.67 38.34
N LEU B 142 26.65 1.49 37.79
CA LEU B 142 25.84 0.48 38.51
C LEU B 142 26.59 0.04 39.77
N SER B 143 25.85 -0.53 40.70
CA SER B 143 26.46 -1.10 41.93
C SER B 143 27.56 -2.09 41.51
N GLY B 144 28.75 -1.89 42.05
CA GLY B 144 29.92 -2.76 41.80
C GLY B 144 30.60 -2.43 40.49
N ALA B 145 30.27 -1.29 39.88
CA ALA B 145 30.79 -0.92 38.54
C ALA B 145 31.06 0.59 38.48
N GLN B 146 31.79 1.11 39.47
CA GLN B 146 32.18 2.55 39.42
C GLN B 146 33.25 2.72 38.34
N CYS B 147 33.21 3.82 37.61
CA CYS B 147 34.21 4.14 36.58
C CYS B 147 34.82 5.50 36.90
N ALA B 148 36.10 5.67 36.59
CA ALA B 148 36.81 6.95 36.73
C ALA B 148 36.13 7.98 35.82
N SER B 149 35.61 7.54 34.68
CA SER B 149 35.02 8.43 33.65
C SER B 149 33.69 8.98 34.15
N GLY B 150 33.04 8.29 35.09
CA GLY B 150 31.79 8.80 35.64
C GLY B 150 30.71 7.76 35.72
N ASP B 151 29.55 8.23 36.14
CA ASP B 151 28.34 7.38 36.26
C ASP B 151 27.54 7.60 34.99
N TRP B 152 27.47 6.58 34.14
CA TRP B 152 26.85 6.66 32.79
C TRP B 152 25.42 6.12 32.81
N ARG B 153 24.83 5.86 33.98
CA ARG B 153 23.48 5.23 34.00
C ARG B 153 22.43 6.15 33.34
N GLN B 154 22.32 7.39 33.81
CA GLN B 154 21.31 8.33 33.24
C GLN B 154 21.63 8.56 31.75
N ALA B 155 22.90 8.67 31.38
CA ALA B 155 23.32 8.88 29.98
C ALA B 155 22.79 7.70 29.13
N TYR B 156 22.93 6.46 29.60
CA TYR B 156 22.45 5.30 28.81
C TYR B 156 20.93 5.35 28.68
N ALA B 157 20.18 5.75 29.72
CA ALA B 157 18.71 5.92 29.67
C ALA B 157 18.33 7.00 28.65
N ASP B 158 19.04 8.12 28.68
CA ASP B 158 18.84 9.23 27.71
C ASP B 158 19.08 8.72 26.28
N TYR B 159 20.15 7.93 26.09
CA TYR B 159 20.56 7.35 24.78
C TYR B 159 19.45 6.46 24.24
N LEU B 160 18.92 5.54 25.06
CA LEU B 160 17.88 4.62 24.59
C LEU B 160 16.64 5.41 24.22
N THR B 161 16.26 6.40 25.05
CA THR B 161 15.13 7.31 24.78
C THR B 161 15.35 8.00 23.42
N LYS B 162 16.57 8.48 23.14
CA LYS B 162 16.87 9.20 21.88
C LYS B 162 16.77 8.25 20.68
N TYR B 163 17.17 6.98 20.82
CA TYR B 163 17.04 6.01 19.70
C TYR B 163 15.54 5.91 19.37
N VAL B 164 14.67 5.74 20.38
CA VAL B 164 13.20 5.66 20.17
C VAL B 164 12.70 6.96 19.51
N GLU B 165 13.21 8.11 19.93
CA GLU B 165 12.83 9.40 19.32
C GLU B 165 13.22 9.42 17.84
N PHE B 166 14.44 9.02 17.49
CA PHE B 166 14.86 8.99 16.06
C PHE B 166 13.90 8.13 15.24
N TYR B 167 13.45 6.99 15.77
CA TYR B 167 12.51 6.11 15.05
C TYR B 167 11.18 6.87 14.88
N GLN B 168 10.69 7.50 15.94
CA GLN B 168 9.42 8.25 15.94
C GLN B 168 9.46 9.32 14.86
N GLU B 169 10.58 10.05 14.78
CA GLU B 169 10.75 11.15 13.79
C GLU B 169 10.87 10.55 12.38
N SER B 170 11.08 9.24 12.27
CA SER B 170 11.14 8.51 10.98
C SER B 170 9.83 7.73 10.75
N ASN B 171 8.78 8.09 11.49
CA ASN B 171 7.41 7.54 11.35
C ASN B 171 7.34 6.07 11.72
N VAL B 172 8.18 5.61 12.67
CA VAL B 172 8.03 4.24 13.25
C VAL B 172 7.97 4.35 14.78
N THR B 173 6.93 3.77 15.34
CA THR B 173 6.73 3.77 16.80
C THR B 173 7.35 2.50 17.38
N VAL B 174 8.42 2.66 18.13
CA VAL B 174 8.98 1.55 18.94
C VAL B 174 8.00 1.35 20.12
N THR B 175 7.49 0.13 20.29
CA THR B 175 6.45 -0.17 21.30
C THR B 175 7.07 -0.82 22.54
N HIS B 176 8.22 -1.49 22.39
CA HIS B 176 8.89 -2.22 23.49
C HIS B 176 10.39 -1.93 23.41
N LEU B 177 11.02 -1.78 24.57
CA LEU B 177 12.41 -1.31 24.68
C LEU B 177 13.18 -2.19 25.65
N GLY B 178 14.26 -2.80 25.18
CA GLY B 178 15.20 -3.60 25.97
C GLY B 178 16.57 -2.95 26.00
N PHE B 179 17.31 -3.13 27.11
CA PHE B 179 18.60 -2.46 27.34
C PHE B 179 19.75 -3.46 27.54
N ILE B 180 19.47 -4.77 27.58
CA ILE B 180 20.47 -5.87 27.63
C ILE B 180 19.99 -7.02 26.77
N ASN B 181 20.92 -7.93 26.49
CA ASN B 181 20.66 -9.19 25.76
C ASN B 181 21.66 -10.20 26.31
N ALA B 182 21.21 -11.42 26.62
CA ALA B 182 22.07 -12.48 27.16
C ALA B 182 22.99 -11.90 28.23
N PRO B 183 22.44 -11.21 29.26
CA PRO B 183 23.28 -10.53 30.24
C PRO B 183 24.15 -11.48 31.08
N GLU B 184 23.88 -12.77 30.99
CA GLU B 184 24.64 -13.82 31.71
C GLU B 184 25.84 -14.29 30.89
N LEU B 185 26.06 -13.77 29.68
CA LEU B 185 27.06 -14.30 28.71
C LEU B 185 27.95 -13.17 28.16
N THR B 186 29.26 -13.35 28.30
CA THR B 186 30.28 -12.52 27.60
C THR B 186 30.54 -13.17 26.25
N THR B 187 30.57 -12.36 25.19
CA THR B 187 30.81 -12.86 23.82
C THR B 187 31.82 -11.96 23.11
N SER B 188 32.34 -12.42 21.97
N SER B 188 32.31 -12.43 21.97
CA SER B 188 33.34 -11.66 21.18
CA SER B 188 33.31 -11.71 21.15
C SER B 188 32.65 -10.50 20.43
C SER B 188 32.64 -10.62 20.29
N TYR B 189 31.31 -10.50 20.38
CA TYR B 189 30.52 -9.46 19.70
C TYR B 189 29.76 -8.65 20.76
N ALA B 190 28.82 -7.80 20.37
CA ALA B 190 28.11 -6.88 21.30
C ALA B 190 27.53 -7.68 22.46
N SER B 191 27.99 -7.37 23.67
CA SER B 191 27.59 -8.09 24.90
C SER B 191 27.79 -7.17 26.10
N MET B 192 27.02 -7.40 27.16
CA MET B 192 27.12 -6.54 28.35
C MET B 192 26.50 -7.32 29.50
N ARG B 193 27.25 -7.36 30.61
CA ARG B 193 26.98 -8.21 31.76
C ARG B 193 26.23 -7.39 32.82
N PHE B 194 25.00 -7.79 33.10
CA PHE B 194 24.21 -7.28 34.24
C PHE B 194 23.75 -8.47 35.05
N SER B 195 23.86 -8.38 36.37
CA SER B 195 23.11 -9.25 37.28
C SER B 195 21.63 -8.85 37.23
N ALA B 196 20.75 -9.69 37.75
CA ALA B 196 19.33 -9.34 37.84
C ALA B 196 19.17 -8.09 38.73
N SER B 197 19.97 -7.98 39.80
N SER B 197 19.99 -7.95 39.78
CA SER B 197 19.95 -6.81 40.70
CA SER B 197 19.88 -6.77 40.68
C SER B 197 20.27 -5.54 39.88
C SER B 197 20.32 -5.50 39.94
N GLN B 198 21.33 -5.57 39.08
CA GLN B 198 21.75 -4.39 38.27
C GLN B 198 20.66 -4.04 37.24
N ALA B 199 19.99 -5.05 36.67
CA ALA B 199 18.86 -4.79 35.76
C ALA B 199 17.76 -4.01 36.51
N ALA B 200 17.39 -4.45 37.72
CA ALA B 200 16.39 -3.76 38.54
C ALA B 200 16.87 -2.32 38.79
N GLU B 201 18.14 -2.13 39.13
CA GLU B 201 18.73 -0.79 39.39
C GLU B 201 18.51 0.10 38.16
N PHE B 202 18.81 -0.43 36.98
CA PHE B 202 18.73 0.37 35.75
C PHE B 202 17.28 0.67 35.36
N ILE B 203 16.37 -0.28 35.56
CA ILE B 203 14.93 -0.04 35.29
C ILE B 203 14.46 1.16 36.13
N ARG B 204 14.93 1.29 37.38
CA ARG B 204 14.49 2.42 38.24
C ARG B 204 14.93 3.77 37.63
N ILE B 205 15.98 3.78 36.82
CA ILE B 205 16.50 5.00 36.13
C ILE B 205 15.79 5.16 34.77
N LEU B 206 15.64 4.08 34.03
CA LEU B 206 15.08 4.15 32.64
C LEU B 206 13.60 4.51 32.69
N TYR B 207 12.84 3.89 33.58
CA TYR B 207 11.38 4.11 33.62
C TYR B 207 11.05 5.60 33.75
N PRO B 208 11.54 6.35 34.77
CA PRO B 208 11.17 7.76 34.87
C PRO B 208 11.71 8.59 33.70
N THR B 209 12.82 8.14 33.09
CA THR B 209 13.38 8.83 31.91
C THR B 209 12.38 8.76 30.76
N ILE B 210 11.85 7.58 30.50
CA ILE B 210 10.82 7.41 29.45
C ILE B 210 9.59 8.26 29.85
N GLN B 211 9.16 8.19 31.10
CA GLN B 211 7.85 8.76 31.50
C GLN B 211 7.89 10.28 31.35
N LYS B 212 9.06 10.90 31.62
N LYS B 212 9.06 10.90 31.62
CA LYS B 212 9.24 12.38 31.57
CA LYS B 212 9.24 12.38 31.58
C LYS B 212 9.57 12.84 30.14
C LYS B 212 9.57 12.84 30.14
N SER B 213 9.85 11.90 29.23
CA SER B 213 10.28 12.22 27.85
C SER B 213 9.12 12.83 27.05
N ASN B 214 9.43 13.41 25.88
CA ASN B 214 8.39 14.00 25.01
C ASN B 214 8.00 12.96 23.96
N LEU B 215 8.38 11.68 24.15
CA LEU B 215 7.98 10.59 23.22
C LEU B 215 6.45 10.55 23.10
N THR B 216 5.95 10.44 21.87
CA THR B 216 4.49 10.37 21.59
C THR B 216 3.92 9.11 22.23
N TYR B 217 4.59 7.97 22.02
CA TYR B 217 4.21 6.69 22.66
C TYR B 217 5.34 6.27 23.57
N LYS B 218 5.04 6.11 24.86
CA LYS B 218 6.04 5.65 25.85
C LYS B 218 6.15 4.13 25.72
N PRO B 219 7.30 3.59 25.27
CA PRO B 219 7.40 2.16 25.10
C PRO B 219 7.45 1.42 26.42
N THR B 220 7.00 0.17 26.38
CA THR B 220 7.05 -0.76 27.52
C THR B 220 8.50 -1.24 27.63
N ILE B 221 9.05 -1.16 28.83
CA ILE B 221 10.41 -1.70 29.11
C ILE B 221 10.32 -3.23 29.22
N ALA B 222 11.28 -3.89 28.60
CA ALA B 222 11.41 -5.36 28.63
C ALA B 222 12.66 -5.74 29.43
N CYS B 223 12.69 -6.96 29.92
CA CYS B 223 13.93 -7.56 30.50
C CYS B 223 13.78 -9.08 30.46
N CYS B 224 14.86 -9.86 30.21
CA CYS B 224 16.24 -9.43 30.06
C CYS B 224 16.90 -10.14 28.87
N ASP B 225 16.11 -10.86 28.08
CA ASP B 225 16.63 -11.60 26.91
C ASP B 225 17.74 -12.55 27.35
N ALA B 226 17.52 -13.24 28.49
CA ALA B 226 18.40 -14.35 28.91
C ALA B 226 18.36 -15.44 27.84
N GLU B 227 19.36 -16.31 27.83
CA GLU B 227 19.52 -17.30 26.74
C GLU B 227 18.60 -18.52 26.93
N GLY B 228 17.84 -18.59 28.00
CA GLY B 228 16.86 -19.68 28.17
C GLY B 228 15.84 -19.34 29.22
N TRP B 229 14.80 -20.17 29.31
CA TRP B 229 13.69 -20.00 30.27
C TRP B 229 14.23 -20.05 31.69
N ASN B 230 15.02 -21.07 32.04
CA ASN B 230 15.55 -21.21 33.42
C ASN B 230 16.35 -19.96 33.80
N SER B 231 17.21 -19.51 32.92
CA SER B 231 18.09 -18.35 33.15
C SER B 231 17.26 -17.09 33.43
N GLN B 232 16.29 -16.82 32.58
CA GLN B 232 15.43 -15.63 32.81
C GLN B 232 14.64 -15.81 34.11
N ALA B 233 14.12 -16.99 34.37
CA ALA B 233 13.30 -17.23 35.58
C ALA B 233 14.14 -16.93 36.82
N GLY B 234 15.45 -17.20 36.78
CA GLY B 234 16.35 -16.92 37.92
C GLY B 234 16.56 -15.43 38.15
N MET B 235 16.17 -14.55 37.21
CA MET B 235 16.33 -13.09 37.37
C MET B 235 15.06 -12.48 37.97
N LEU B 236 13.96 -13.23 38.02
CA LEU B 236 12.64 -12.62 38.33
C LEU B 236 12.56 -12.18 39.79
N GLY B 237 13.25 -12.84 40.71
CA GLY B 237 13.22 -12.38 42.11
C GLY B 237 13.70 -10.96 42.27
N ALA B 238 14.86 -10.67 41.72
CA ALA B 238 15.45 -9.32 41.84
C ALA B 238 14.59 -8.33 41.04
N LEU B 239 14.05 -8.75 39.91
CA LEU B 239 13.18 -7.86 39.10
C LEU B 239 11.85 -7.58 39.83
N SER B 240 11.44 -8.41 40.80
CA SER B 240 10.08 -8.25 41.36
C SER B 240 9.93 -6.88 42.05
N SER B 241 11.01 -6.26 42.54
CA SER B 241 10.86 -4.93 43.19
C SER B 241 10.45 -3.84 42.20
N VAL B 242 10.66 -4.06 40.89
CA VAL B 242 10.43 -3.04 39.83
C VAL B 242 9.34 -3.51 38.86
N ASN B 243 8.44 -4.41 39.28
CA ASN B 243 7.38 -4.89 38.36
C ASN B 243 6.39 -3.77 38.00
N SER B 244 6.37 -2.65 38.75
CA SER B 244 5.56 -1.47 38.41
C SER B 244 6.23 -0.64 37.31
N MET B 245 7.48 -0.96 36.93
CA MET B 245 8.30 -0.04 36.10
C MET B 245 8.76 -0.72 34.81
N PHE B 246 8.39 -1.98 34.59
CA PHE B 246 8.58 -2.62 33.29
C PHE B 246 7.37 -3.51 33.03
N GLY B 247 7.21 -3.98 31.80
CA GLY B 247 5.94 -4.63 31.44
C GLY B 247 6.06 -5.83 30.55
N LEU B 248 7.27 -6.32 30.32
CA LEU B 248 7.49 -7.47 29.41
C LEU B 248 8.72 -8.26 29.89
N VAL B 249 8.55 -9.58 30.05
CA VAL B 249 9.70 -10.49 30.31
C VAL B 249 10.04 -11.17 28.99
N THR B 250 11.32 -11.19 28.67
CA THR B 250 11.83 -11.77 27.41
C THR B 250 12.88 -12.82 27.73
N ALA B 251 12.88 -13.90 26.96
CA ALA B 251 13.91 -14.95 27.08
C ALA B 251 13.99 -15.70 25.77
N HIS B 252 15.11 -16.37 25.58
CA HIS B 252 15.39 -17.18 24.38
C HIS B 252 15.20 -18.65 24.68
N ALA B 253 15.44 -19.50 23.69
CA ALA B 253 15.21 -20.95 23.87
C ALA B 253 16.48 -21.69 23.50
N TYR B 254 17.60 -21.28 24.09
CA TYR B 254 18.89 -21.98 23.78
C TYR B 254 19.36 -22.81 24.97
N THR B 255 19.51 -22.22 26.16
CA THR B 255 20.13 -22.93 27.30
C THR B 255 19.07 -23.72 28.07
N SER B 256 17.80 -23.47 27.82
CA SER B 256 16.71 -24.33 28.34
C SER B 256 15.46 -24.01 27.53
N GLN B 257 14.48 -24.92 27.51
CA GLN B 257 13.31 -24.76 26.62
C GLN B 257 12.19 -24.07 27.39
N PRO B 258 11.25 -23.41 26.67
CA PRO B 258 10.08 -22.76 27.27
C PRO B 258 8.99 -23.80 27.59
N GLY B 259 9.23 -24.56 28.65
CA GLY B 259 8.43 -25.75 29.00
C GLY B 259 7.71 -25.59 30.33
N PHE B 260 7.78 -24.42 30.95
CA PHE B 260 7.05 -24.13 32.21
C PHE B 260 6.59 -22.67 32.19
N SER B 261 5.55 -22.34 32.97
CA SER B 261 5.03 -20.96 33.15
C SER B 261 5.95 -20.24 34.13
N MET B 262 6.59 -19.15 33.72
CA MET B 262 7.40 -18.31 34.63
C MET B 262 6.47 -17.62 35.66
N ASN B 263 6.97 -17.46 36.88
CA ASN B 263 6.27 -16.74 37.96
C ASN B 263 6.56 -15.25 37.82
N THR B 264 5.82 -14.56 36.95
CA THR B 264 5.89 -13.10 36.73
C THR B 264 4.49 -12.64 36.41
N PRO B 265 4.09 -11.41 36.80
CA PRO B 265 2.80 -10.87 36.40
C PRO B 265 2.74 -10.45 34.93
N HIS B 266 3.90 -10.35 34.27
CA HIS B 266 4.00 -9.76 32.92
C HIS B 266 3.81 -10.82 31.85
N PRO B 267 3.40 -10.39 30.65
CA PRO B 267 3.50 -11.27 29.49
C PRO B 267 4.96 -11.66 29.32
N VAL B 268 5.16 -12.85 28.75
CA VAL B 268 6.49 -13.44 28.53
C VAL B 268 6.63 -13.73 27.04
N TRP B 269 7.64 -13.14 26.42
CA TRP B 269 7.93 -13.43 25.00
C TRP B 269 9.15 -14.33 24.89
N MET B 270 9.04 -15.32 24.00
CA MET B 270 10.20 -16.08 23.55
C MET B 270 10.76 -15.32 22.35
N THR B 271 11.85 -14.58 22.58
CA THR B 271 12.35 -13.56 21.60
C THR B 271 13.48 -14.05 20.69
N ALA B 272 13.95 -15.29 20.84
CA ALA B 272 14.92 -15.87 19.88
C ALA B 272 15.03 -17.38 20.11
N ALA B 273 14.83 -18.11 19.03
CA ALA B 273 15.06 -19.56 18.94
C ALA B 273 15.48 -19.87 17.51
N ALA B 274 16.30 -20.91 17.37
CA ALA B 274 16.73 -21.40 16.05
C ALA B 274 17.52 -22.70 16.19
N ASP B 275 17.56 -23.45 15.10
CA ASP B 275 18.50 -24.59 14.93
C ASP B 275 19.81 -23.99 14.42
N LEU B 276 20.59 -23.37 15.29
CA LEU B 276 21.71 -22.48 14.90
C LEU B 276 22.78 -23.23 14.10
N GLN B 277 23.04 -24.49 14.43
CA GLN B 277 24.20 -25.30 13.93
C GLN B 277 23.76 -26.21 12.77
N GLY B 278 22.45 -26.47 12.68
CA GLY B 278 21.87 -27.47 11.77
C GLY B 278 22.11 -27.12 10.32
N ALA B 279 22.60 -28.09 9.55
CA ALA B 279 22.74 -27.94 8.09
C ALA B 279 21.37 -27.56 7.51
N TRP B 280 21.39 -26.58 6.62
CA TRP B 280 20.16 -26.01 5.98
C TRP B 280 19.24 -27.14 5.49
N THR B 281 17.97 -27.06 5.84
CA THR B 281 16.91 -27.82 5.15
C THR B 281 15.71 -26.89 4.92
N SER B 282 15.02 -27.03 3.81
CA SER B 282 13.75 -26.31 3.54
C SER B 282 12.55 -27.21 3.82
N ALA B 283 12.75 -28.46 4.27
CA ALA B 283 11.68 -29.48 4.37
C ALA B 283 10.70 -29.15 5.50
N TRP B 284 9.44 -29.52 5.32
CA TRP B 284 8.42 -29.61 6.39
C TRP B 284 8.63 -30.87 7.23
N TYR B 285 8.60 -32.06 6.64
CA TYR B 285 8.83 -33.29 7.41
C TYR B 285 9.63 -34.26 6.58
N SER B 286 10.69 -34.81 7.17
CA SER B 286 11.50 -35.87 6.54
C SER B 286 11.63 -36.98 7.57
N TYR B 287 12.20 -36.67 8.73
CA TYR B 287 12.21 -37.64 9.86
C TYR B 287 12.08 -36.97 11.24
N GLY B 288 11.63 -35.72 11.32
CA GLY B 288 11.48 -35.02 12.61
C GLY B 288 12.78 -34.37 13.10
N GLY B 289 13.74 -34.16 12.19
CA GLY B 289 15.00 -33.43 12.44
C GLY B 289 14.79 -32.02 13.01
N ALA B 290 15.84 -31.44 13.58
CA ALA B 290 15.79 -30.24 14.43
C ALA B 290 15.48 -29.01 13.57
N GLY B 291 15.78 -29.08 12.26
CA GLY B 291 15.59 -27.98 11.30
C GLY B 291 14.27 -28.04 10.57
N GLU B 292 13.50 -29.12 10.74
CA GLU B 292 12.30 -29.35 9.89
C GLU B 292 11.14 -28.45 10.35
N GLY B 293 10.35 -27.98 9.38
CA GLY B 293 9.21 -27.08 9.63
C GLY B 293 8.28 -27.71 10.65
N TRP B 294 8.03 -29.02 10.54
CA TRP B 294 7.15 -29.77 11.46
C TRP B 294 7.68 -29.57 12.88
N THR B 295 9.00 -29.69 13.05
CA THR B 295 9.67 -29.55 14.37
C THR B 295 9.32 -28.16 14.91
N TRP B 296 9.43 -27.13 14.07
CA TRP B 296 9.22 -25.73 14.53
C TRP B 296 7.75 -25.41 14.78
N ALA B 297 6.80 -26.01 14.05
CA ALA B 297 5.37 -25.89 14.37
C ALA B 297 5.13 -26.39 15.79
N ASN B 298 5.80 -27.47 16.17
CA ASN B 298 5.64 -28.11 17.50
C ASN B 298 6.38 -27.27 18.55
N ASN B 299 7.54 -26.71 18.20
CA ASN B 299 8.31 -25.85 19.13
C ASN B 299 7.45 -24.65 19.52
N VAL B 300 6.74 -24.09 18.55
CA VAL B 300 5.86 -22.93 18.85
C VAL B 300 4.72 -23.40 19.77
N TYR B 301 4.04 -24.49 19.43
CA TYR B 301 2.98 -25.10 20.24
C TYR B 301 3.44 -25.22 21.70
N ASN B 302 4.62 -25.80 21.89
CA ASN B 302 5.16 -26.10 23.24
C ASN B 302 5.37 -24.77 23.98
N ALA B 303 5.95 -23.77 23.32
CA ALA B 303 6.28 -22.48 23.98
C ALA B 303 4.98 -21.82 24.45
N ILE B 304 3.94 -21.86 23.61
CA ILE B 304 2.62 -21.24 23.93
C ILE B 304 1.90 -22.09 24.99
N VAL B 305 1.77 -23.39 24.79
CA VAL B 305 0.87 -24.21 25.64
C VAL B 305 1.57 -24.58 26.96
N ASN B 306 2.86 -24.89 26.92
CA ASN B 306 3.63 -25.34 28.11
C ASN B 306 4.46 -24.19 28.71
N GLY B 307 5.03 -23.32 27.87
CA GLY B 307 5.85 -22.19 28.34
C GLY B 307 5.04 -20.94 28.63
N ASN B 308 3.74 -20.92 28.31
CA ASN B 308 2.87 -19.74 28.56
C ASN B 308 3.42 -18.50 27.85
N ALA B 309 4.07 -18.67 26.70
CA ALA B 309 4.57 -17.53 25.90
C ALA B 309 3.41 -16.77 25.28
N SER B 310 3.49 -15.43 25.31
CA SER B 310 2.60 -14.51 24.58
C SER B 310 3.16 -14.15 23.18
N ALA B 311 4.42 -14.46 22.88
CA ALA B 311 4.97 -14.22 21.53
C ALA B 311 6.10 -15.19 21.29
N TYR B 312 6.39 -15.39 20.00
CA TYR B 312 7.43 -16.34 19.58
C TYR B 312 8.17 -15.74 18.41
N LEU B 313 9.47 -15.51 18.59
N LEU B 313 9.48 -15.48 18.57
CA LEU B 313 10.32 -14.94 17.54
CA LEU B 313 10.34 -14.85 17.54
C LEU B 313 11.40 -15.94 17.19
C LEU B 313 11.49 -15.76 17.15
N TYR B 314 11.52 -16.24 15.90
CA TYR B 314 12.71 -16.92 15.37
C TYR B 314 13.88 -15.92 15.41
N TRP B 315 15.08 -16.45 15.56
CA TRP B 315 16.33 -15.64 15.66
C TRP B 315 16.42 -14.63 14.51
N ILE B 316 16.57 -15.12 13.28
CA ILE B 316 16.77 -14.27 12.08
C ILE B 316 15.76 -14.69 11.00
N GLY B 317 15.22 -13.71 10.27
CA GLY B 317 14.31 -14.00 9.16
C GLY B 317 15.07 -14.40 7.90
N ALA B 318 15.53 -13.41 7.14
CA ALA B 318 16.27 -13.55 5.89
C ALA B 318 17.74 -13.24 6.15
N GLN B 319 18.58 -14.13 5.64
CA GLN B 319 20.05 -14.09 5.78
C GLN B 319 20.66 -14.99 4.69
N THR B 320 21.90 -14.71 4.35
CA THR B 320 22.77 -15.68 3.62
C THR B 320 23.24 -16.80 4.58
N GLY B 321 23.94 -17.83 4.07
CA GLY B 321 24.53 -18.92 4.87
C GLY B 321 23.74 -20.21 4.73
N ASN B 322 24.27 -21.33 5.25
CA ASN B 322 23.68 -22.68 5.00
C ASN B 322 23.41 -23.44 6.32
N THR B 323 23.18 -22.71 7.42
CA THR B 323 22.62 -23.30 8.67
C THR B 323 21.18 -22.83 8.87
N ASN B 324 20.48 -23.49 9.78
CA ASN B 324 19.05 -23.22 10.08
C ASN B 324 18.96 -22.09 11.13
N SER B 325 19.95 -21.18 11.19
CA SER B 325 19.92 -19.95 12.05
C SER B 325 18.80 -18.99 11.61
N HIS B 326 18.33 -19.15 10.38
CA HIS B 326 17.38 -18.22 9.75
C HIS B 326 16.25 -19.01 9.07
N MET B 327 15.18 -18.30 8.68
CA MET B 327 13.99 -18.93 8.09
C MET B 327 13.99 -18.81 6.56
N VAL B 328 14.67 -17.80 6.03
CA VAL B 328 14.56 -17.42 4.60
C VAL B 328 15.99 -17.31 4.06
N HIS B 329 16.30 -18.15 3.08
CA HIS B 329 17.66 -18.23 2.50
C HIS B 329 17.77 -17.15 1.42
N ILE B 330 18.78 -16.29 1.56
CA ILE B 330 19.18 -15.29 0.53
C ILE B 330 20.31 -15.93 -0.26
N ASP B 331 20.15 -16.02 -1.58
CA ASP B 331 21.21 -16.38 -2.55
C ASP B 331 21.69 -15.06 -3.17
N ALA B 332 22.72 -14.47 -2.56
CA ALA B 332 23.21 -13.10 -2.88
C ALA B 332 23.67 -13.06 -4.35
N ASN B 333 24.18 -14.19 -4.85
CA ASN B 333 24.72 -14.35 -6.23
C ASN B 333 23.57 -14.23 -7.24
N ALA B 334 22.53 -15.05 -7.11
CA ALA B 334 21.36 -15.09 -8.04
C ALA B 334 20.40 -13.91 -7.77
N GLY B 335 20.51 -13.26 -6.60
CA GLY B 335 19.56 -12.22 -6.18
C GLY B 335 18.21 -12.83 -5.87
N THR B 336 18.20 -14.07 -5.38
CA THR B 336 16.97 -14.87 -5.13
C THR B 336 16.80 -15.13 -3.64
N VAL B 337 15.57 -15.50 -3.27
CA VAL B 337 15.12 -15.65 -1.86
C VAL B 337 14.32 -16.96 -1.78
N GLU B 338 14.73 -17.87 -0.88
CA GLU B 338 14.10 -19.20 -0.72
C GLU B 338 13.61 -19.33 0.72
N PRO B 339 12.27 -19.33 0.94
CA PRO B 339 11.70 -19.57 2.26
C PRO B 339 11.74 -21.06 2.64
N SER B 340 12.20 -21.38 3.85
CA SER B 340 12.15 -22.73 4.44
C SER B 340 10.74 -23.01 4.92
N LYS B 341 10.40 -24.26 5.18
CA LYS B 341 9.09 -24.60 5.79
C LYS B 341 9.09 -24.14 7.26
N ARG B 342 10.21 -23.72 7.84
CA ARG B 342 10.23 -23.09 9.19
C ARG B 342 9.50 -21.75 9.09
N LEU B 343 9.72 -20.99 8.02
CA LEU B 343 8.99 -19.70 7.79
C LEU B 343 7.49 -20.02 7.79
N TRP B 344 7.09 -21.02 7.03
CA TRP B 344 5.67 -21.36 6.85
C TRP B 344 5.10 -21.94 8.16
N ALA B 345 5.90 -22.66 8.96
CA ALA B 345 5.47 -23.11 10.31
C ALA B 345 5.06 -21.90 11.14
N LEU B 346 5.93 -20.89 11.20
CA LEU B 346 5.70 -19.69 12.05
C LEU B 346 4.51 -18.92 11.45
N GLY B 347 4.38 -18.94 10.13
CA GLY B 347 3.27 -18.28 9.39
C GLY B 347 1.93 -18.95 9.62
N GLN B 348 1.93 -20.28 9.70
CA GLN B 348 0.69 -21.08 9.92
C GLN B 348 0.13 -20.65 11.29
N TRP B 349 0.99 -20.26 12.22
CA TRP B 349 0.55 -19.59 13.47
C TRP B 349 0.13 -18.14 13.20
N SER B 350 1.06 -17.33 12.74
CA SER B 350 0.97 -15.84 12.78
C SER B 350 -0.16 -15.35 11.87
N ARG B 351 -0.42 -16.02 10.75
CA ARG B 351 -1.45 -15.53 9.80
C ARG B 351 -2.83 -15.47 10.47
N PHE B 352 -3.11 -16.38 11.42
CA PHE B 352 -4.49 -16.61 11.93
C PHE B 352 -4.61 -16.22 13.39
N VAL B 353 -3.50 -16.23 14.13
CA VAL B 353 -3.50 -15.85 15.57
C VAL B 353 -2.85 -14.46 15.62
N ARG B 354 -3.70 -13.45 15.54
CA ARG B 354 -3.24 -12.05 15.38
C ARG B 354 -3.02 -11.42 16.75
N PRO B 355 -2.25 -10.31 16.82
CA PRO B 355 -2.03 -9.58 18.07
C PRO B 355 -3.36 -9.30 18.76
N GLY B 356 -3.34 -9.51 20.07
CA GLY B 356 -4.50 -9.27 20.94
C GLY B 356 -5.39 -10.50 21.05
N ALA B 357 -5.06 -11.61 20.38
CA ALA B 357 -5.84 -12.86 20.56
C ALA B 357 -5.69 -13.37 21.99
N ARG B 358 -6.71 -14.06 22.47
CA ARG B 358 -6.71 -14.70 23.81
C ARG B 358 -6.77 -16.21 23.61
N ARG B 359 -5.82 -16.95 24.18
CA ARG B 359 -5.85 -18.41 24.11
C ARG B 359 -7.03 -18.90 24.92
N VAL B 360 -7.74 -19.88 24.40
CA VAL B 360 -9.01 -20.40 25.00
C VAL B 360 -8.92 -21.93 25.01
N ALA B 361 -9.73 -22.57 25.84
CA ALA B 361 -9.75 -24.04 26.00
C ALA B 361 -10.38 -24.66 24.75
N VAL B 362 -9.76 -25.73 24.24
CA VAL B 362 -10.39 -26.64 23.24
C VAL B 362 -10.24 -28.07 23.74
N SER B 363 -11.28 -28.87 23.58
CA SER B 363 -11.30 -30.28 24.04
C SER B 363 -11.89 -31.16 22.94
N GLY B 364 -11.60 -32.45 23.01
CA GLY B 364 -12.15 -33.45 22.07
C GLY B 364 -11.08 -34.09 21.22
N ALA B 365 -9.83 -33.61 21.27
CA ALA B 365 -8.70 -34.13 20.46
C ALA B 365 -8.54 -35.64 20.71
N SER B 366 -8.15 -36.39 19.66
CA SER B 366 -7.77 -37.82 19.74
C SER B 366 -6.26 -37.94 19.99
N GLY B 367 -5.72 -39.17 19.97
CA GLY B 367 -4.30 -39.48 20.25
C GLY B 367 -3.34 -38.63 19.42
N SER B 368 -3.44 -38.69 18.09
CA SER B 368 -2.44 -38.15 17.13
C SER B 368 -2.68 -36.67 16.79
N LEU B 369 -3.65 -36.00 17.44
CA LEU B 369 -3.88 -34.54 17.28
C LEU B 369 -3.43 -33.80 18.54
N ARG B 370 -2.63 -32.74 18.37
CA ARG B 370 -2.39 -31.69 19.40
C ARG B 370 -3.12 -30.42 18.95
N THR B 371 -3.85 -29.80 19.87
CA THR B 371 -4.82 -28.73 19.56
C THR B 371 -4.62 -27.54 20.50
N ALA B 372 -4.88 -26.36 19.98
CA ALA B 372 -4.96 -25.12 20.77
C ALA B 372 -5.95 -24.21 20.05
N ALA B 373 -6.53 -23.29 20.77
CA ALA B 373 -7.56 -22.38 20.23
C ALA B 373 -7.30 -20.96 20.73
N PHE B 374 -7.69 -20.00 19.91
CA PHE B 374 -7.44 -18.56 20.14
C PHE B 374 -8.65 -17.79 19.61
N ARG B 375 -9.17 -16.89 20.42
CA ARG B 375 -10.19 -15.93 19.95
C ARG B 375 -9.50 -14.60 19.66
N ASN B 376 -9.49 -14.21 18.39
CA ASN B 376 -8.92 -12.90 17.98
C ASN B 376 -9.82 -11.76 18.49
N GLU B 377 -9.27 -10.56 18.53
CA GLU B 377 -10.01 -9.33 18.89
C GLU B 377 -11.23 -9.14 17.97
N ASP B 378 -11.15 -9.57 16.71
CA ASP B 378 -12.25 -9.39 15.72
C ASP B 378 -13.31 -10.50 15.89
N GLY B 379 -13.15 -11.37 16.89
CA GLY B 379 -14.12 -12.44 17.18
C GLY B 379 -13.85 -13.70 16.36
N SER B 380 -12.92 -13.69 15.42
CA SER B 380 -12.55 -14.94 14.69
C SER B 380 -11.90 -15.91 15.68
N VAL B 381 -12.29 -17.18 15.62
CA VAL B 381 -11.75 -18.23 16.53
C VAL B 381 -10.88 -19.14 15.69
N ALA B 382 -9.56 -19.07 15.92
CA ALA B 382 -8.55 -19.91 15.22
C ALA B 382 -8.26 -21.14 16.08
N VAL B 383 -8.49 -22.31 15.48
CA VAL B 383 -8.22 -23.61 16.11
C VAL B 383 -7.07 -24.25 15.36
N VAL B 384 -5.95 -24.41 16.05
CA VAL B 384 -4.71 -25.08 15.55
C VAL B 384 -4.86 -26.60 15.77
N VAL B 385 -4.60 -27.35 14.71
CA VAL B 385 -4.61 -28.83 14.73
C VAL B 385 -3.29 -29.31 14.14
N ILE B 386 -2.41 -29.90 14.96
CA ILE B 386 -1.11 -30.46 14.49
C ILE B 386 -1.30 -31.99 14.45
N ASN B 387 -1.30 -32.54 13.25
CA ASN B 387 -1.74 -33.94 13.00
C ASN B 387 -0.53 -34.80 12.68
N SER B 388 -0.15 -35.67 13.61
CA SER B 388 1.04 -36.58 13.48
C SER B 388 0.64 -37.88 12.78
N GLY B 389 -0.66 -38.08 12.53
CA GLY B 389 -1.18 -39.30 11.87
C GLY B 389 -1.55 -39.07 10.41
N GLY B 390 -2.38 -39.96 9.86
CA GLY B 390 -2.95 -39.85 8.50
C GLY B 390 -4.02 -38.78 8.42
N ASP B 391 -4.61 -38.58 7.24
CA ASP B 391 -5.69 -37.58 7.06
C ASP B 391 -6.76 -37.87 8.11
N ALA B 392 -7.32 -36.82 8.71
CA ALA B 392 -8.33 -36.92 9.79
C ALA B 392 -9.47 -35.96 9.53
N ALA B 393 -10.69 -36.49 9.44
CA ALA B 393 -11.96 -35.74 9.54
C ALA B 393 -11.99 -35.07 10.93
N VAL B 394 -12.10 -33.75 10.95
CA VAL B 394 -12.20 -32.98 12.21
C VAL B 394 -13.37 -32.02 12.07
N ASN B 395 -14.28 -32.04 13.05
CA ASN B 395 -15.36 -31.04 13.20
C ASN B 395 -14.92 -30.04 14.25
N VAL B 396 -15.10 -28.76 13.96
CA VAL B 396 -14.72 -27.67 14.88
C VAL B 396 -15.98 -26.85 15.17
N ARG B 397 -16.27 -26.67 16.46
CA ARG B 397 -17.47 -25.94 16.92
C ARG B 397 -17.15 -25.23 18.22
N LEU B 398 -18.00 -24.28 18.62
CA LEU B 398 -17.99 -23.68 19.98
C LEU B 398 -18.86 -24.51 20.93
N ALA B 399 -18.57 -24.39 22.22
CA ALA B 399 -19.32 -25.02 23.33
C ALA B 399 -20.79 -24.59 23.23
N SER B 400 -21.69 -25.53 23.54
CA SER B 400 -23.17 -25.37 23.72
C SER B 400 -23.47 -23.99 24.31
N SER B 401 -22.78 -23.69 25.40
CA SER B 401 -23.05 -22.53 26.29
C SER B 401 -22.56 -21.21 25.66
N SER B 402 -21.96 -21.24 24.46
CA SER B 402 -21.50 -20.01 23.74
C SER B 402 -22.69 -19.13 23.38
N SER B 403 -22.51 -17.81 23.56
CA SER B 403 -23.41 -16.73 23.07
C SER B 403 -23.62 -16.87 21.55
N ALA B 404 -24.80 -16.51 21.06
CA ALA B 404 -25.16 -16.52 19.62
C ALA B 404 -24.28 -15.52 18.85
N ASP B 405 -23.86 -14.42 19.49
CA ASP B 405 -22.99 -13.39 18.85
C ASP B 405 -21.55 -13.89 18.66
N GLN B 406 -21.15 -14.97 19.36
CA GLN B 406 -19.79 -15.57 19.21
C GLN B 406 -19.83 -16.64 18.12
N GLN B 407 -21.03 -17.13 17.78
CA GLN B 407 -21.20 -18.29 16.86
C GLN B 407 -20.75 -17.90 15.45
N PRO B 408 -20.04 -18.82 14.75
CA PRO B 408 -19.60 -18.53 13.39
C PRO B 408 -20.74 -18.51 12.37
N ALA B 409 -20.62 -17.63 11.37
CA ALA B 409 -21.52 -17.61 10.19
C ALA B 409 -20.79 -18.19 8.98
N SER B 410 -19.47 -18.36 9.09
CA SER B 410 -18.61 -18.89 8.01
C SER B 410 -17.35 -19.46 8.63
N ALA B 411 -16.63 -20.26 7.85
CA ALA B 411 -15.36 -20.89 8.26
C ALA B 411 -14.44 -21.02 7.05
N LYS B 412 -13.16 -20.90 7.30
CA LYS B 412 -12.10 -21.28 6.34
C LYS B 412 -11.06 -22.11 7.07
N ALA B 413 -10.18 -22.73 6.29
CA ALA B 413 -9.08 -23.54 6.84
C ALA B 413 -7.90 -23.46 5.89
N TRP B 414 -6.72 -23.54 6.46
CA TRP B 414 -5.45 -23.54 5.73
C TRP B 414 -4.58 -24.64 6.35
N ALA B 415 -3.66 -25.19 5.54
CA ALA B 415 -2.71 -26.21 6.02
C ALA B 415 -1.31 -25.92 5.49
N THR B 416 -0.32 -26.28 6.29
CA THR B 416 1.10 -26.41 5.88
C THR B 416 1.50 -27.87 6.11
N ASP B 417 2.11 -28.46 5.10
CA ASP B 417 2.66 -29.84 5.13
C ASP B 417 3.75 -29.85 4.07
N ASN B 418 4.18 -31.02 3.61
CA ASN B 418 5.26 -31.14 2.60
C ASN B 418 4.87 -30.52 1.24
N SER B 419 3.57 -30.51 0.92
N SER B 419 3.58 -30.51 0.89
CA SER B 419 3.04 -30.10 -0.40
CA SER B 419 3.09 -30.02 -0.43
C SER B 419 2.41 -28.70 -0.32
C SER B 419 2.57 -28.59 -0.32
N ARG B 420 2.16 -28.17 0.89
CA ARG B 420 1.34 -26.97 1.11
C ARG B 420 2.15 -25.93 1.92
N ALA B 421 2.06 -24.67 1.52
CA ALA B 421 2.59 -23.51 2.28
C ALA B 421 1.41 -22.60 2.62
N ILE B 422 0.84 -22.75 3.81
CA ILE B 422 -0.39 -22.01 4.23
C ILE B 422 -1.35 -22.00 3.04
N GLU B 423 -1.75 -23.19 2.60
CA GLU B 423 -2.64 -23.35 1.44
C GLU B 423 -4.08 -23.52 1.91
N GLU B 424 -5.03 -22.82 1.30
CA GLU B 424 -6.45 -22.92 1.71
C GLU B 424 -6.91 -24.35 1.37
N ILE B 425 -7.59 -24.99 2.33
CA ILE B 425 -8.25 -26.30 2.11
C ILE B 425 -9.77 -26.11 2.32
N GLN B 426 -10.55 -27.09 1.85
CA GLN B 426 -12.02 -27.02 1.92
C GLN B 426 -12.43 -26.99 3.39
N ALA B 427 -13.38 -26.12 3.75
CA ALA B 427 -14.04 -26.13 5.07
C ALA B 427 -15.56 -26.16 4.85
N SER B 428 -16.16 -27.34 5.00
CA SER B 428 -17.64 -27.51 5.00
C SER B 428 -18.19 -26.86 6.25
N PHE B 429 -19.24 -26.04 6.11
CA PHE B 429 -19.83 -25.31 7.26
C PHE B 429 -21.34 -25.53 7.31
N ALA B 430 -21.82 -26.17 8.36
CA ALA B 430 -23.26 -26.43 8.60
C ALA B 430 -23.57 -26.18 10.08
N ASP B 431 -24.46 -25.21 10.35
CA ASP B 431 -25.10 -24.99 11.67
C ASP B 431 -24.01 -24.81 12.76
N GLY B 432 -23.10 -23.87 12.54
CA GLY B 432 -22.06 -23.46 13.52
C GLY B 432 -20.86 -24.41 13.52
N VAL B 433 -20.90 -25.49 12.76
CA VAL B 433 -19.84 -26.54 12.76
C VAL B 433 -19.06 -26.46 11.46
N ALA B 434 -17.73 -26.38 11.54
CA ALA B 434 -16.80 -26.48 10.38
C ALA B 434 -16.25 -27.91 10.31
N THR B 435 -16.37 -28.55 9.15
CA THR B 435 -15.79 -29.89 8.94
C THR B 435 -14.65 -29.77 7.94
N VAL B 436 -13.49 -30.30 8.32
CA VAL B 436 -12.24 -30.19 7.53
C VAL B 436 -11.58 -31.57 7.52
N ASN B 437 -10.91 -31.91 6.43
CA ASN B 437 -10.02 -33.09 6.39
C ASN B 437 -8.60 -32.58 6.64
N VAL B 438 -8.12 -32.77 7.87
CA VAL B 438 -6.77 -32.31 8.27
C VAL B 438 -5.75 -33.23 7.61
N PRO B 439 -4.89 -32.70 6.73
CA PRO B 439 -3.91 -33.54 6.04
C PRO B 439 -2.95 -34.25 7.00
N SER B 440 -2.47 -35.43 6.57
N SER B 440 -2.43 -35.40 6.56
CA SER B 440 -1.44 -36.24 7.28
CA SER B 440 -1.47 -36.25 7.32
C SER B 440 -0.26 -35.31 7.62
C SER B 440 -0.16 -35.47 7.55
N ARG B 441 0.36 -35.49 8.79
CA ARG B 441 1.61 -34.78 9.17
C ARG B 441 1.57 -33.30 8.75
N SER B 442 0.51 -32.60 9.14
CA SER B 442 0.28 -31.18 8.77
C SER B 442 0.13 -30.37 10.04
N MET B 443 0.26 -29.05 9.89
CA MET B 443 -0.39 -28.10 10.80
C MET B 443 -1.52 -27.45 10.02
N THR B 444 -2.75 -27.64 10.50
CA THR B 444 -3.98 -27.06 9.94
C THR B 444 -4.52 -26.03 10.94
N THR B 445 -4.94 -24.88 10.43
CA THR B 445 -5.66 -23.86 11.23
C THR B 445 -7.03 -23.69 10.62
N VAL B 446 -8.06 -24.00 11.41
CA VAL B 446 -9.49 -23.79 11.07
C VAL B 446 -9.95 -22.50 11.76
N VAL B 447 -10.55 -21.58 11.00
CA VAL B 447 -11.02 -20.28 11.56
C VAL B 447 -12.54 -20.18 11.38
N LEU B 448 -13.21 -19.94 12.51
CA LEU B 448 -14.66 -19.68 12.64
C LEU B 448 -14.86 -18.17 12.70
N TYR B 449 -15.63 -17.64 11.76
CA TYR B 449 -15.89 -16.20 11.65
C TYR B 449 -17.34 -15.88 12.01
N PRO B 450 -17.60 -14.99 12.99
CA PRO B 450 -18.91 -14.34 13.09
C PRO B 450 -19.27 -13.60 11.79
N ALA B 451 -20.55 -13.26 11.56
CA ALA B 451 -21.03 -12.58 10.32
C ALA B 451 -20.49 -11.14 10.26
#